data_9BNI
# 
_entry.id   9BNI 
# 
_audit_conform.dict_name       mmcif_pdbx.dic 
_audit_conform.dict_version    5.398 
_audit_conform.dict_location   http://mmcif.pdb.org/dictionaries/ascii/mmcif_pdbx.dic 
# 
loop_
_database_2.database_id 
_database_2.database_code 
_database_2.pdbx_database_accession 
_database_2.pdbx_DOI 
PDB   9BNI         pdb_00009bni 10.2210/pdb9bni/pdb 
WWPDB D_1000283647 ?            ?                   
# 
loop_
_pdbx_audit_revision_history.ordinal 
_pdbx_audit_revision_history.data_content_type 
_pdbx_audit_revision_history.major_revision 
_pdbx_audit_revision_history.minor_revision 
_pdbx_audit_revision_history.revision_date 
1 'Structure model' 1 0 2024-09-04 
2 'Structure model' 2 0 2024-09-25 
3 'Structure model' 2 1 2024-11-06 
# 
_pdbx_audit_revision_details.ordinal             1 
_pdbx_audit_revision_details.revision_ordinal    1 
_pdbx_audit_revision_details.data_content_type   'Structure model' 
_pdbx_audit_revision_details.provider            repository 
_pdbx_audit_revision_details.type                'Initial release' 
_pdbx_audit_revision_details.description         ? 
_pdbx_audit_revision_details.details             ? 
# 
loop_
_pdbx_audit_revision_group.ordinal 
_pdbx_audit_revision_group.revision_ordinal 
_pdbx_audit_revision_group.data_content_type 
_pdbx_audit_revision_group.group 
1  2 'Structure model' Advisory                     
2  2 'Structure model' 'Atomic model'               
3  2 'Structure model' 'Author supporting evidence' 
4  2 'Structure model' 'Data collection'            
5  2 'Structure model' 'Database references'        
6  2 'Structure model' 'Derived calculations'       
7  2 'Structure model' 'Non-polymer description'    
8  2 'Structure model' Other                        
9  2 'Structure model' 'Polymer sequence'           
10 2 'Structure model' 'Refinement description'     
11 2 'Structure model' 'Source and taxonomy'        
12 2 'Structure model' 'Structure summary'          
13 3 'Structure model' 'Database references'        
14 3 'Structure model' 'Structure summary'          
# 
loop_
_pdbx_audit_revision_category.ordinal 
_pdbx_audit_revision_category.revision_ordinal 
_pdbx_audit_revision_category.data_content_type 
_pdbx_audit_revision_category.category 
1  2 'Structure model' atom_site                    
2  2 'Structure model' atom_site_anisotrop          
3  2 'Structure model' cell                         
4  2 'Structure model' chem_comp                    
5  2 'Structure model' chem_comp_atom               
6  2 'Structure model' chem_comp_bond               
7  2 'Structure model' entity                       
8  2 'Structure model' entity_poly                  
9  2 'Structure model' entity_poly_seq              
10 2 'Structure model' pdbx_entity_instance_feature 
11 2 'Structure model' pdbx_entity_nonpoly          
12 2 'Structure model' pdbx_entity_src_syn          
13 2 'Structure model' pdbx_nonpoly_scheme          
14 2 'Structure model' pdbx_poly_seq_scheme         
15 2 'Structure model' pdbx_struct_assembly_gen     
16 2 'Structure model' pdbx_struct_conn_angle       
17 2 'Structure model' pdbx_struct_special_symmetry 
18 2 'Structure model' pdbx_validate_symm_contact   
19 2 'Structure model' refine                       
20 2 'Structure model' refine_hist                  
21 2 'Structure model' refine_ls_restr              
22 2 'Structure model' struct_asym                  
23 2 'Structure model' struct_conn                  
24 2 'Structure model' struct_ref_seq               
25 2 'Structure model' symmetry                     
26 3 'Structure model' citation                     
27 3 'Structure model' citation_author              
28 3 'Structure model' pdbx_entry_details           
29 3 'Structure model' pdbx_modification_feature    
# 
loop_
_pdbx_audit_revision_item.ordinal 
_pdbx_audit_revision_item.revision_ordinal 
_pdbx_audit_revision_item.data_content_type 
_pdbx_audit_revision_item.item 
1  2 'Structure model' '_atom_site.B_iso_or_equiv'                    
2  2 'Structure model' '_atom_site.Cartn_x'                           
3  2 'Structure model' '_atom_site.auth_comp_id'                      
4  2 'Structure model' '_atom_site.auth_seq_id'                       
5  2 'Structure model' '_atom_site.label_asym_id'                     
6  2 'Structure model' '_atom_site.label_comp_id'                     
7  2 'Structure model' '_atom_site.label_entity_id'                   
8  2 'Structure model' '_atom_site.label_seq_id'                      
9  2 'Structure model' '_atom_site.occupancy'                         
10 2 'Structure model' '_atom_site_anisotrop.U[1][1]'                 
11 2 'Structure model' '_atom_site_anisotrop.U[1][2]'                 
12 2 'Structure model' '_atom_site_anisotrop.U[1][3]'                 
13 2 'Structure model' '_atom_site_anisotrop.U[2][2]'                 
14 2 'Structure model' '_atom_site_anisotrop.U[2][3]'                 
15 2 'Structure model' '_atom_site_anisotrop.U[3][3]'                 
16 2 'Structure model' '_atom_site_anisotrop.pdbx_auth_comp_id'       
17 2 'Structure model' '_atom_site_anisotrop.pdbx_auth_seq_id'        
18 2 'Structure model' '_atom_site_anisotrop.pdbx_label_asym_id'      
19 2 'Structure model' '_atom_site_anisotrop.pdbx_label_comp_id'      
20 2 'Structure model' '_atom_site_anisotrop.pdbx_label_seq_id'       
21 2 'Structure model' '_cell.volume'                                 
22 2 'Structure model' '_chem_comp.formula'                           
23 2 'Structure model' '_chem_comp.formula_weight'                    
24 2 'Structure model' '_chem_comp.id'                                
25 2 'Structure model' '_chem_comp.name'                              
26 2 'Structure model' '_entity_poly.nstd_monomer'                    
27 2 'Structure model' '_entity_poly.pdbx_seq_one_letter_code'        
28 2 'Structure model' '_entity_poly.pdbx_seq_one_letter_code_can'    
29 2 'Structure model' '_pdbx_entity_src_syn.pdbx_end_seq_num'        
30 2 'Structure model' '_pdbx_struct_assembly_gen.asym_id_list'       
31 2 'Structure model' '_pdbx_struct_conn_angle.ptnr2_auth_seq_id'    
32 2 'Structure model' '_pdbx_struct_conn_angle.ptnr2_label_asym_id'  
33 2 'Structure model' '_pdbx_struct_conn_angle.ptnr3_auth_seq_id'    
34 2 'Structure model' '_pdbx_struct_conn_angle.ptnr3_label_asym_id'  
35 2 'Structure model' '_pdbx_struct_special_symmetry.auth_seq_id'    
36 2 'Structure model' '_pdbx_struct_special_symmetry.label_asym_id'  
37 2 'Structure model' '_pdbx_validate_symm_contact.auth_atom_id_1'   
38 2 'Structure model' '_pdbx_validate_symm_contact.auth_atom_id_2'   
39 2 'Structure model' '_pdbx_validate_symm_contact.auth_comp_id_1'   
40 2 'Structure model' '_pdbx_validate_symm_contact.auth_comp_id_2'   
41 2 'Structure model' '_pdbx_validate_symm_contact.auth_seq_id_1'    
42 2 'Structure model' '_pdbx_validate_symm_contact.auth_seq_id_2'    
43 2 'Structure model' '_pdbx_validate_symm_contact.site_symmetry_2'  
44 2 'Structure model' '_refine.ls_R_factor_R_free'                   
45 2 'Structure model' '_refine.ls_R_factor_R_work'                   
46 2 'Structure model' '_refine.ls_number_reflns_R_work'              
47 2 'Structure model' '_refine.overall_SU_ML'                        
48 2 'Structure model' '_refine.pdbx_overall_phase_error'             
49 2 'Structure model' '_refine.pdbx_stereochemistry_target_values'   
50 2 'Structure model' '_refine_hist.pdbx_number_atoms_ligand'        
51 2 'Structure model' '_refine_hist.pdbx_number_atoms_protein'       
52 2 'Structure model' '_refine_ls_restr.dev_ideal'                   
53 2 'Structure model' '_refine_ls_restr.number'                      
54 2 'Structure model' '_refine_ls_restr.type'                        
55 2 'Structure model' '_struct_conn.pdbx_leaving_atom_flag'          
56 2 'Structure model' '_struct_conn.ptnr1_auth_seq_id'               
57 2 'Structure model' '_struct_conn.ptnr1_label_asym_id'             
58 2 'Structure model' '_struct_conn.ptnr2_auth_comp_id'              
59 2 'Structure model' '_struct_conn.ptnr2_auth_seq_id'               
60 2 'Structure model' '_struct_conn.ptnr2_label_asym_id'             
61 2 'Structure model' '_struct_conn.ptnr2_label_comp_id'             
62 2 'Structure model' '_struct_conn.ptnr2_label_seq_id'              
63 2 'Structure model' '_struct_ref_seq.db_align_end'                 
64 2 'Structure model' '_struct_ref_seq.pdbx_auth_seq_align_end'      
65 2 'Structure model' '_struct_ref_seq.seq_align_end'                
66 2 'Structure model' '_symmetry.space_group_name_Hall'              
67 3 'Structure model' '_citation.journal_volume'                     
68 3 'Structure model' '_citation.title'                              
69 3 'Structure model' '_citation_author.identifier_ORCID'            
70 3 'Structure model' '_citation_author.name'                        
71 3 'Structure model' '_pdbx_entry_details.has_protein_modification' 
# 
_pdbx_database_status.status_code                     REL 
_pdbx_database_status.status_code_sf                  REL 
_pdbx_database_status.status_code_mr                  ? 
_pdbx_database_status.entry_id                        9BNI 
_pdbx_database_status.recvd_initial_deposition_date   2024-05-02 
_pdbx_database_status.SG_entry                        N 
_pdbx_database_status.deposit_site                    RCSB 
_pdbx_database_status.process_site                    RCSB 
_pdbx_database_status.status_code_cs                  ? 
_pdbx_database_status.status_code_nmr_data            ? 
_pdbx_database_status.methods_development_category    ? 
_pdbx_database_status.pdb_format_compatible           Y 
# 
_pdbx_contact_author.id                 2 
_pdbx_contact_author.email              andyn@uic.edu 
_pdbx_contact_author.name_first         Andy 
_pdbx_contact_author.name_last          Nguyen 
_pdbx_contact_author.name_mi            I 
_pdbx_contact_author.role               'principal investigator/group leader' 
_pdbx_contact_author.identifier_ORCID   0000-0003-4137-6453 
# 
loop_
_audit_author.name 
_audit_author.pdbx_ordinal 
_audit_author.identifier_ORCID 
'Dang, V.T.' 1 0000-0002-9386-841X 
'Nguyen, A.' 2 0000-0003-4137-6453 
# 
_citation.abstract                  ? 
_citation.abstract_id_CAS           ? 
_citation.book_id_ISBN              ? 
_citation.book_publisher            ? 
_citation.book_publisher_city       ? 
_citation.book_title                ? 
_citation.coordinate_linkage        ? 
_citation.country                   GE 
_citation.database_id_Medline       ? 
_citation.details                   ? 
_citation.id                        primary 
_citation.journal_abbrev            Chemistry 
_citation.journal_id_ASTM           ? 
_citation.journal_id_CSD            ? 
_citation.journal_id_ISSN           0947-6539 
_citation.journal_full              ? 
_citation.journal_issue             ? 
_citation.journal_volume            30 
_citation.language                  ? 
_citation.page_first                e202402101 
_citation.page_last                 e202402101 
_citation.title                     'Crystallography Reveals Metal-Triggered Restructuring of beta-Hairpins.' 
_citation.year                      2024 
_citation.database_id_CSD           ? 
_citation.pdbx_database_id_DOI      10.1002/chem.202402101 
_citation.pdbx_database_id_PubMed   39152095 
_citation.pdbx_database_id_patent   ? 
_citation.unpublished_flag          ? 
# 
loop_
_citation_author.citation_id 
_citation_author.name 
_citation_author.ordinal 
_citation_author.identifier_ORCID 
primary 'Thuc Dang, V.' 1 0000-0002-9386-841X 
primary 'Engineer, A.'  2 ?                   
primary 'McElheny, D.'  3 ?                   
primary 'Drena, A.'     4 0000-0002-8864-6740 
primary 'Telser, J.'    5 0000-0003-3307-2556 
primary 'Tomczak, K.'   6 0000-0001-7539-943X 
primary 'Nguyen, A.I.'  7 0000-0003-4137-6453 
# 
loop_
_entity.id 
_entity.type 
_entity.src_method 
_entity.pdbx_description 
_entity.formula_weight 
_entity.pdbx_number_of_molecules 
_entity.pdbx_ec 
_entity.pdbx_mutation 
_entity.pdbx_fragment 
_entity.details 
1 polymer     syn 'Cu-TZ4H-H3AH10D tryptophan zipper metallo-beta-sheet peptide' 1610.734 1  ? ? ? ? 
2 non-polymer syn 'CHLORIDE ION'                                                 35.453   1  ? ? ? ? 
3 non-polymer syn 'COPPER (II) ION'                                              63.546   1  ? ? ? ? 
4 non-polymer syn 'HEXAETHYLENE GLYCOL'                                          282.331  1  ? ? ? ? 
5 non-polymer syn 'SULFATE ION'                                                  96.063   3  ? ? ? ? 
6 water       nat water                                                          18.015   11 ? ? ? ? 
# 
_entity_poly.entity_id                      1 
_entity_poly.type                           'polypeptide(L)' 
_entity_poly.nstd_linkage                   no 
_entity_poly.nstd_monomer                   yes 
_entity_poly.pdbx_seq_one_letter_code       'SWAWHNGKWDWH(NH2)' 
_entity_poly.pdbx_seq_one_letter_code_can   SWAWHNGKWDWHX 
_entity_poly.pdbx_strand_id                 A 
_entity_poly.pdbx_target_identifier         ? 
# 
loop_
_pdbx_entity_nonpoly.entity_id 
_pdbx_entity_nonpoly.name 
_pdbx_entity_nonpoly.comp_id 
2 'CHLORIDE ION'        CL  
3 'COPPER (II) ION'     CU  
4 'HEXAETHYLENE GLYCOL' P6G 
5 'SULFATE ION'         SO4 
6 water                 HOH 
# 
loop_
_entity_poly_seq.entity_id 
_entity_poly_seq.num 
_entity_poly_seq.mon_id 
_entity_poly_seq.hetero 
1 1  SER n 
1 2  TRP n 
1 3  ALA n 
1 4  TRP n 
1 5  HIS n 
1 6  ASN n 
1 7  GLY n 
1 8  LYS n 
1 9  TRP n 
1 10 ASP n 
1 11 TRP n 
1 12 HIS n 
1 13 NH2 n 
# 
_pdbx_entity_src_syn.entity_id              1 
_pdbx_entity_src_syn.pdbx_src_id            1 
_pdbx_entity_src_syn.pdbx_alt_source_flag   sample 
_pdbx_entity_src_syn.pdbx_beg_seq_num       1 
_pdbx_entity_src_syn.pdbx_end_seq_num       13 
_pdbx_entity_src_syn.organism_scientific    'synthetic construct' 
_pdbx_entity_src_syn.organism_common_name   ? 
_pdbx_entity_src_syn.ncbi_taxonomy_id       32630 
_pdbx_entity_src_syn.details                ? 
# 
loop_
_chem_comp.id 
_chem_comp.type 
_chem_comp.mon_nstd_flag 
_chem_comp.name 
_chem_comp.pdbx_synonyms 
_chem_comp.formula 
_chem_comp.formula_weight 
ALA 'L-peptide linking' y ALANINE               ?                            'C3 H7 N O2'     89.093  
ASN 'L-peptide linking' y ASPARAGINE            ?                            'C4 H8 N2 O3'    132.118 
ASP 'L-peptide linking' y 'ASPARTIC ACID'       ?                            'C4 H7 N O4'     133.103 
CL  non-polymer         . 'CHLORIDE ION'        ?                            'Cl -1'          35.453  
CU  non-polymer         . 'COPPER (II) ION'     ?                            'Cu 2'           63.546  
GLY 'peptide linking'   y GLYCINE               ?                            'C2 H5 N O2'     75.067  
HIS 'L-peptide linking' y HISTIDINE             ?                            'C6 H10 N3 O2 1' 156.162 
HOH non-polymer         . WATER                 ?                            'H2 O'           18.015  
LYS 'L-peptide linking' y LYSINE                ?                            'C6 H15 N2 O2 1' 147.195 
NH2 non-polymer         . 'AMINO GROUP'         ?                            'H2 N'           16.023  
P6G non-polymer         . 'HEXAETHYLENE GLYCOL' 'POLYETHYLENE GLYCOL PEG400' 'C12 H26 O7'     282.331 
SER 'L-peptide linking' y SERINE                ?                            'C3 H7 N O3'     105.093 
SO4 non-polymer         . 'SULFATE ION'         ?                            'O4 S -2'        96.063  
TRP 'L-peptide linking' y TRYPTOPHAN            ?                            'C11 H12 N2 O2'  204.225 
# 
loop_
_pdbx_poly_seq_scheme.asym_id 
_pdbx_poly_seq_scheme.entity_id 
_pdbx_poly_seq_scheme.seq_id 
_pdbx_poly_seq_scheme.mon_id 
_pdbx_poly_seq_scheme.ndb_seq_num 
_pdbx_poly_seq_scheme.pdb_seq_num 
_pdbx_poly_seq_scheme.auth_seq_num 
_pdbx_poly_seq_scheme.pdb_mon_id 
_pdbx_poly_seq_scheme.auth_mon_id 
_pdbx_poly_seq_scheme.pdb_strand_id 
_pdbx_poly_seq_scheme.pdb_ins_code 
_pdbx_poly_seq_scheme.hetero 
A 1 1  SER 1  1  1  SER SER A . n 
A 1 2  TRP 2  2  2  TRP TRP A . n 
A 1 3  ALA 3  3  3  ALA ALA A . n 
A 1 4  TRP 4  4  4  TRP TRP A . n 
A 1 5  HIS 5  5  5  HIS HIS A . n 
A 1 6  ASN 6  6  6  ASN ASN A . n 
A 1 7  GLY 7  7  7  GLY GLY A . n 
A 1 8  LYS 8  8  8  LYS LYS A . n 
A 1 9  TRP 9  9  9  TRP TRP A . n 
A 1 10 ASP 10 10 10 ASP ASP A . n 
A 1 11 TRP 11 11 11 TRP TRP A . n 
A 1 12 HIS 12 12 12 HIS HIS A . n 
A 1 13 NH2 13 13 13 NH2 NH2 A . n 
# 
loop_
_pdbx_nonpoly_scheme.asym_id 
_pdbx_nonpoly_scheme.entity_id 
_pdbx_nonpoly_scheme.mon_id 
_pdbx_nonpoly_scheme.ndb_seq_num 
_pdbx_nonpoly_scheme.pdb_seq_num 
_pdbx_nonpoly_scheme.auth_seq_num 
_pdbx_nonpoly_scheme.pdb_mon_id 
_pdbx_nonpoly_scheme.auth_mon_id 
_pdbx_nonpoly_scheme.pdb_strand_id 
_pdbx_nonpoly_scheme.pdb_ins_code 
B 2 CL  1  101 102 CL  CL  A . 
C 3 CU  1  102 103 CU  CU  A . 
D 4 P6G 1  103 104 P6G P6G A . 
E 5 SO4 1  104 105 SO4 SO4 A . 
F 5 SO4 1  105 106 SO4 SO4 A . 
G 5 SO4 1  106 107 SO4 SO4 A . 
H 6 HOH 1  201 201 HOH HOH A . 
H 6 HOH 2  202 202 HOH HOH A . 
H 6 HOH 3  203 203 HOH HOH A . 
H 6 HOH 4  204 204 HOH HOH A . 
H 6 HOH 5  205 205 HOH HOH A . 
H 6 HOH 6  206 206 HOH HOH A . 
H 6 HOH 7  207 207 HOH HOH A . 
H 6 HOH 8  208 208 HOH HOH A . 
H 6 HOH 9  209 209 HOH HOH A . 
H 6 HOH 10 210 210 HOH HOH A . 
H 6 HOH 11 211 211 HOH HOH A . 
# 
loop_
_software.citation_id 
_software.classification 
_software.compiler_name 
_software.compiler_version 
_software.contact_author 
_software.contact_author_email 
_software.date 
_software.description 
_software.dependencies 
_software.hardware 
_software.language 
_software.location 
_software.mods 
_software.name 
_software.os 
_software.os_version 
_software.type 
_software.version 
_software.pdbx_ordinal 
? refinement       ? ? ? ? ? ? ? ? ? ? ? PHENIX ? ? ? 1.20.1_4487 1 
? 'data reduction' ? ? ? ? ? ? ? ? ? ? ? XDS    ? ? ? .           2 
? 'data scaling'   ? ? ? ? ? ? ? ? ? ? ? XDS    ? ? ? .           3 
? phasing          ? ? ? ? ? ? ? ? ? ? ? PHASER ? ? ? .           4 
# 
_cell.entry_id           9BNI 
_cell.length_a           45.518 
_cell.length_b           45.518 
_cell.length_c           45.518 
_cell.angle_alpha        90.00 
_cell.angle_beta         90.00 
_cell.angle_gamma        90.00 
_cell.Z_PDB              24 
_cell.pdbx_unique_axis   ? 
# 
_symmetry.entry_id                         9BNI 
_symmetry.space_group_name_H-M             'I 21 3' 
_symmetry.pdbx_full_space_group_name_H-M   ? 
_symmetry.cell_setting                     ? 
_symmetry.Int_Tables_number                199 
# 
_exptl.absorpt_coefficient_mu     ? 
_exptl.absorpt_correction_T_max   ? 
_exptl.absorpt_correction_T_min   ? 
_exptl.absorpt_correction_type    ? 
_exptl.absorpt_process_details    ? 
_exptl.entry_id                   9BNI 
_exptl.crystals_number            1 
_exptl.details                    ? 
_exptl.method                     'X-RAY DIFFRACTION' 
_exptl.method_details             ? 
# 
_exptl_crystal.colour                       ? 
_exptl_crystal.density_diffrn               ? 
_exptl_crystal.density_Matthews             2.44 
_exptl_crystal.density_method               ? 
_exptl_crystal.density_percent_sol          49.52 
_exptl_crystal.description                  ? 
_exptl_crystal.F_000                        ? 
_exptl_crystal.id                           1 
_exptl_crystal.preparation                  ? 
_exptl_crystal.size_max                     ? 
_exptl_crystal.size_mid                     ? 
_exptl_crystal.size_min                     ? 
_exptl_crystal.size_rad                     ? 
_exptl_crystal.colour_lustre                ? 
_exptl_crystal.colour_modifier              ? 
_exptl_crystal.colour_primary               ? 
_exptl_crystal.density_meas                 ? 
_exptl_crystal.density_meas_esd             ? 
_exptl_crystal.density_meas_gt              ? 
_exptl_crystal.density_meas_lt              ? 
_exptl_crystal.density_meas_temp            ? 
_exptl_crystal.density_meas_temp_esd        ? 
_exptl_crystal.density_meas_temp_gt         ? 
_exptl_crystal.density_meas_temp_lt         ? 
_exptl_crystal.pdbx_crystal_image_url       ? 
_exptl_crystal.pdbx_crystal_image_format    ? 
_exptl_crystal.pdbx_mosaicity               ? 
_exptl_crystal.pdbx_mosaicity_esd           ? 
_exptl_crystal.pdbx_mosaic_method           ? 
_exptl_crystal.pdbx_mosaic_block_size       ? 
_exptl_crystal.pdbx_mosaic_block_size_esd   ? 
# 
_exptl_crystal_grow.apparatus       ? 
_exptl_crystal_grow.atmosphere      ? 
_exptl_crystal_grow.crystal_id      1 
_exptl_crystal_grow.details         ? 
_exptl_crystal_grow.method          'VAPOR DIFFUSION, HANGING DROP' 
_exptl_crystal_grow.method_ref      ? 
_exptl_crystal_grow.pH              6.5 
_exptl_crystal_grow.pressure        ? 
_exptl_crystal_grow.pressure_esd    ? 
_exptl_crystal_grow.seeding         ? 
_exptl_crystal_grow.seeding_ref     ? 
_exptl_crystal_grow.temp_details    ? 
_exptl_crystal_grow.temp_esd        ? 
_exptl_crystal_grow.time            ? 
_exptl_crystal_grow.pdbx_details    
;1.8 M Ammonium Sulfate
0.1 M BIS-TRIS pH6.5
2% v/v PEG Monomethyl Ether 550
;
_exptl_crystal_grow.pdbx_pH_range   ? 
_exptl_crystal_grow.temp            298 
# 
_diffrn.ambient_environment              ? 
_diffrn.ambient_temp                     100 
_diffrn.ambient_temp_details             ? 
_diffrn.ambient_temp_esd                 ? 
_diffrn.crystal_id                       1 
_diffrn.crystal_support                  ? 
_diffrn.crystal_treatment                ? 
_diffrn.details                          ? 
_diffrn.id                               1 
_diffrn.ambient_pressure                 ? 
_diffrn.ambient_pressure_esd             ? 
_diffrn.ambient_pressure_gt              ? 
_diffrn.ambient_pressure_lt              ? 
_diffrn.ambient_temp_gt                  ? 
_diffrn.ambient_temp_lt                  ? 
_diffrn.pdbx_serial_crystal_experiment   N 
# 
_diffrn_detector.details                      ? 
_diffrn_detector.detector                     PIXEL 
_diffrn_detector.diffrn_id                    1 
_diffrn_detector.type                         'DECTRIS EIGER X 9M' 
_diffrn_detector.area_resol_mean              ? 
_diffrn_detector.dtime                        ? 
_diffrn_detector.pdbx_frames_total            ? 
_diffrn_detector.pdbx_collection_time_total   ? 
_diffrn_detector.pdbx_collection_date         2023-02-15 
_diffrn_detector.pdbx_frequency               ? 
_diffrn_detector.id                           ? 
_diffrn_detector.number_of_axes               ? 
# 
_diffrn_radiation.collimation                      ? 
_diffrn_radiation.diffrn_id                        1 
_diffrn_radiation.filter_edge                      ? 
_diffrn_radiation.inhomogeneity                    ? 
_diffrn_radiation.monochromator                    Kohzu 
_diffrn_radiation.polarisn_norm                    ? 
_diffrn_radiation.polarisn_ratio                   ? 
_diffrn_radiation.probe                            ? 
_diffrn_radiation.type                             ? 
_diffrn_radiation.xray_symbol                      ? 
_diffrn_radiation.wavelength_id                    1 
_diffrn_radiation.pdbx_monochromatic_or_laue_m_l   M 
_diffrn_radiation.pdbx_wavelength_list             ? 
_diffrn_radiation.pdbx_wavelength                  ? 
_diffrn_radiation.pdbx_diffrn_protocol             'SINGLE WAVELENGTH' 
_diffrn_radiation.pdbx_analyzer                    ? 
_diffrn_radiation.pdbx_scattering_type             x-ray 
# 
_diffrn_radiation_wavelength.id           1 
_diffrn_radiation_wavelength.wavelength   1.0 
_diffrn_radiation_wavelength.wt           1.0 
# 
_diffrn_source.current                     ? 
_diffrn_source.details                     ? 
_diffrn_source.diffrn_id                   1 
_diffrn_source.power                       ? 
_diffrn_source.size                        ? 
_diffrn_source.source                      SYNCHROTRON 
_diffrn_source.target                      ? 
_diffrn_source.type                        'APS BEAMLINE 21-ID-D' 
_diffrn_source.voltage                     ? 
_diffrn_source.take-off_angle              ? 
_diffrn_source.pdbx_wavelength_list        1.0 
_diffrn_source.pdbx_wavelength             ? 
_diffrn_source.pdbx_synchrotron_beamline   21-ID-D 
_diffrn_source.pdbx_synchrotron_site       APS 
# 
_reflns.B_iso_Wilson_estimate                          16.94 
_reflns.entry_id                                       9BNI 
_reflns.data_reduction_details                         ? 
_reflns.data_reduction_method                          ? 
_reflns.d_resolution_high                              1.2 
_reflns.d_resolution_low                               22.76 
_reflns.details                                        ? 
_reflns.limit_h_max                                    ? 
_reflns.limit_h_min                                    ? 
_reflns.limit_k_max                                    ? 
_reflns.limit_k_min                                    ? 
_reflns.limit_l_max                                    ? 
_reflns.limit_l_min                                    ? 
_reflns.number_all                                     ? 
_reflns.number_obs                                     5049 
_reflns.observed_criterion                             ? 
_reflns.observed_criterion_F_max                       ? 
_reflns.observed_criterion_F_min                       ? 
_reflns.observed_criterion_I_max                       ? 
_reflns.observed_criterion_I_min                       ? 
_reflns.observed_criterion_sigma_F                     ? 
_reflns.observed_criterion_sigma_I                     ? 
_reflns.percent_possible_obs                           99.98 
_reflns.R_free_details                                 ? 
_reflns.Rmerge_F_all                                   ? 
_reflns.Rmerge_F_obs                                   ? 
_reflns.Friedel_coverage                               ? 
_reflns.number_gt                                      ? 
_reflns.threshold_expression                           ? 
_reflns.pdbx_redundancy                                39.6 
_reflns.pdbx_netI_over_av_sigmaI                       ? 
_reflns.pdbx_netI_over_sigmaI                          24.68 
_reflns.pdbx_res_netI_over_av_sigmaI_2                 ? 
_reflns.pdbx_res_netI_over_sigmaI_2                    ? 
_reflns.pdbx_chi_squared                               ? 
_reflns.pdbx_scaling_rejects                           ? 
_reflns.pdbx_d_res_high_opt                            ? 
_reflns.pdbx_d_res_low_opt                             ? 
_reflns.pdbx_d_res_opt_method                          ? 
_reflns.phase_calculation_details                      ? 
_reflns.pdbx_Rrim_I_all                                ? 
_reflns.pdbx_Rpim_I_all                                ? 
_reflns.pdbx_d_opt                                     ? 
_reflns.pdbx_number_measured_all                       ? 
_reflns.pdbx_diffrn_id                                 1 
_reflns.pdbx_ordinal                                   1 
_reflns.pdbx_CC_half                                   1 
_reflns.pdbx_CC_star                                   1 
_reflns.pdbx_R_split                                   ? 
_reflns.pdbx_Rmerge_I_obs                              ? 
_reflns.pdbx_Rmerge_I_all                              ? 
_reflns.pdbx_Rsym_value                                ? 
_reflns.pdbx_CC_split_method                           ? 
_reflns.pdbx_aniso_diffraction_limit_axis_1_ortho[1]   ? 
_reflns.pdbx_aniso_diffraction_limit_axis_1_ortho[2]   ? 
_reflns.pdbx_aniso_diffraction_limit_axis_1_ortho[3]   ? 
_reflns.pdbx_aniso_diffraction_limit_axis_2_ortho[1]   ? 
_reflns.pdbx_aniso_diffraction_limit_axis_2_ortho[2]   ? 
_reflns.pdbx_aniso_diffraction_limit_axis_2_ortho[3]   ? 
_reflns.pdbx_aniso_diffraction_limit_axis_3_ortho[1]   ? 
_reflns.pdbx_aniso_diffraction_limit_axis_3_ortho[2]   ? 
_reflns.pdbx_aniso_diffraction_limit_axis_3_ortho[3]   ? 
_reflns.pdbx_aniso_diffraction_limit_1                 ? 
_reflns.pdbx_aniso_diffraction_limit_2                 ? 
_reflns.pdbx_aniso_diffraction_limit_3                 ? 
_reflns.pdbx_aniso_B_tensor_eigenvector_1_ortho[1]     ? 
_reflns.pdbx_aniso_B_tensor_eigenvector_1_ortho[2]     ? 
_reflns.pdbx_aniso_B_tensor_eigenvector_1_ortho[3]     ? 
_reflns.pdbx_aniso_B_tensor_eigenvector_2_ortho[1]     ? 
_reflns.pdbx_aniso_B_tensor_eigenvector_2_ortho[2]     ? 
_reflns.pdbx_aniso_B_tensor_eigenvector_2_ortho[3]     ? 
_reflns.pdbx_aniso_B_tensor_eigenvector_3_ortho[1]     ? 
_reflns.pdbx_aniso_B_tensor_eigenvector_3_ortho[2]     ? 
_reflns.pdbx_aniso_B_tensor_eigenvector_3_ortho[3]     ? 
_reflns.pdbx_aniso_B_tensor_eigenvalue_1               ? 
_reflns.pdbx_aniso_B_tensor_eigenvalue_2               ? 
_reflns.pdbx_aniso_B_tensor_eigenvalue_3               ? 
_reflns.pdbx_orthogonalization_convention              ? 
_reflns.pdbx_percent_possible_ellipsoidal              ? 
_reflns.pdbx_percent_possible_spherical                ? 
_reflns.pdbx_percent_possible_ellipsoidal_anomalous    ? 
_reflns.pdbx_percent_possible_spherical_anomalous      ? 
_reflns.pdbx_redundancy_anomalous                      ? 
_reflns.pdbx_CC_half_anomalous                         ? 
_reflns.pdbx_absDiff_over_sigma_anomalous              ? 
_reflns.pdbx_percent_possible_anomalous                ? 
_reflns.pdbx_observed_signal_threshold                 ? 
_reflns.pdbx_signal_type                               ? 
_reflns.pdbx_signal_details                            ? 
_reflns.pdbx_signal_software_id                        ? 
# 
_reflns_shell.d_res_high                                    1.2 
_reflns_shell.d_res_low                                     1.243 
_reflns_shell.meanI_over_sigI_all                           ? 
_reflns_shell.meanI_over_sigI_obs                           ? 
_reflns_shell.number_measured_all                           ? 
_reflns_shell.number_measured_obs                           ? 
_reflns_shell.number_possible                               ? 
_reflns_shell.number_unique_all                             ? 
_reflns_shell.number_unique_obs                             492 
_reflns_shell.percent_possible_obs                          ? 
_reflns_shell.Rmerge_F_all                                  ? 
_reflns_shell.Rmerge_F_obs                                  ? 
_reflns_shell.meanI_over_sigI_gt                            ? 
_reflns_shell.meanI_over_uI_all                             ? 
_reflns_shell.meanI_over_uI_gt                              ? 
_reflns_shell.number_measured_gt                            ? 
_reflns_shell.number_unique_gt                              ? 
_reflns_shell.percent_possible_gt                           ? 
_reflns_shell.Rmerge_F_gt                                   ? 
_reflns_shell.Rmerge_I_gt                                   ? 
_reflns_shell.pdbx_redundancy                               ? 
_reflns_shell.pdbx_chi_squared                              ? 
_reflns_shell.pdbx_netI_over_sigmaI_all                     ? 
_reflns_shell.pdbx_netI_over_sigmaI_obs                     ? 
_reflns_shell.pdbx_Rrim_I_all                               ? 
_reflns_shell.pdbx_Rpim_I_all                               ? 
_reflns_shell.pdbx_rejects                                  ? 
_reflns_shell.pdbx_ordinal                                  1 
_reflns_shell.pdbx_diffrn_id                                1 
_reflns_shell.pdbx_CC_half                                  0.781 
_reflns_shell.pdbx_CC_star                                  ? 
_reflns_shell.pdbx_R_split                                  ? 
_reflns_shell.percent_possible_all                          100 
_reflns_shell.Rmerge_I_all                                  ? 
_reflns_shell.Rmerge_I_obs                                  ? 
_reflns_shell.pdbx_Rsym_value                               ? 
_reflns_shell.pdbx_percent_possible_ellipsoidal             ? 
_reflns_shell.pdbx_percent_possible_spherical               ? 
_reflns_shell.pdbx_percent_possible_ellipsoidal_anomalous   ? 
_reflns_shell.pdbx_percent_possible_spherical_anomalous     ? 
_reflns_shell.pdbx_redundancy_anomalous                     ? 
_reflns_shell.pdbx_CC_half_anomalous                        ? 
_reflns_shell.pdbx_absDiff_over_sigma_anomalous             ? 
_reflns_shell.pdbx_percent_possible_anomalous               ? 
# 
_refine.pdbx_refine_id                           'X-RAY DIFFRACTION' 
_refine.entry_id                                 9BNI 
_refine.pdbx_diffrn_id                           1 
_refine.pdbx_TLS_residual_ADP_flag               ? 
_refine.ls_number_reflns_obs                     5049 
_refine.ls_number_reflns_all                     ? 
_refine.pdbx_ls_sigma_I                          ? 
_refine.pdbx_ls_sigma_F                          1.340 
_refine.pdbx_data_cutoff_high_absF               ? 
_refine.pdbx_data_cutoff_low_absF                ? 
_refine.pdbx_data_cutoff_high_rms_absF           ? 
_refine.ls_d_res_low                             22.76 
_refine.ls_d_res_high                            1.20 
_refine.ls_percent_reflns_obs                    100.0 
_refine.ls_R_factor_obs                          ? 
_refine.ls_R_factor_all                          ? 
_refine.ls_R_factor_R_work                       0.170 
_refine.ls_R_factor_R_free                       0.210 
_refine.ls_R_factor_R_free_error                 ? 
_refine.ls_R_factor_R_free_error_details         ? 
_refine.ls_percent_reflns_R_free                 ? 
_refine.ls_number_reflns_R_free                  501 
_refine.ls_number_parameters                     ? 
_refine.ls_number_restraints                     ? 
_refine.occupancy_min                            ? 
_refine.occupancy_max                            ? 
_refine.correlation_coeff_Fo_to_Fc               ? 
_refine.correlation_coeff_Fo_to_Fc_free          ? 
_refine.B_iso_mean                               29.85 
_refine.aniso_B[1][1]                            ? 
_refine.aniso_B[2][2]                            ? 
_refine.aniso_B[3][3]                            ? 
_refine.aniso_B[1][2]                            ? 
_refine.aniso_B[1][3]                            ? 
_refine.aniso_B[2][3]                            ? 
_refine.solvent_model_details                    'FLAT BULK SOLVENT MODEL' 
_refine.solvent_model_param_ksol                 ? 
_refine.solvent_model_param_bsol                 ? 
_refine.pdbx_solvent_vdw_probe_radii             1.11 
_refine.pdbx_solvent_ion_probe_radii             ? 
_refine.pdbx_solvent_shrinkage_radii             0.90 
_refine.pdbx_ls_cross_valid_method               'FREE R-VALUE' 
_refine.details                                  ? 
_refine.pdbx_starting_model                      ? 
_refine.pdbx_method_to_determine_struct          'MOLECULAR REPLACEMENT' 
_refine.pdbx_isotropic_thermal_model             ? 
_refine.pdbx_stereochemistry_target_values       'GEOSTD + MONOMER LIBRARY + CDL V1.2' 
_refine.pdbx_stereochem_target_val_spec_case     ? 
_refine.pdbx_R_Free_selection_details            ? 
_refine.pdbx_overall_ESU_R                       ? 
_refine.pdbx_overall_ESU_R_Free                  ? 
_refine.overall_SU_ML                            0.159 
_refine.pdbx_overall_phase_error                 31.964 
_refine.overall_SU_B                             ? 
_refine.overall_SU_R_Cruickshank_DPI             ? 
_refine.pdbx_overall_SU_R_free_Cruickshank_DPI   ? 
_refine.pdbx_overall_SU_R_Blow_DPI               ? 
_refine.pdbx_overall_SU_R_free_Blow_DPI          ? 
# 
_refine_hist.pdbx_refine_id                   'X-RAY DIFFRACTION' 
_refine_hist.cycle_id                         LAST 
_refine_hist.pdbx_number_atoms_protein        117 
_refine_hist.pdbx_number_atoms_nucleic_acid   0 
_refine_hist.pdbx_number_atoms_ligand         36 
_refine_hist.number_atoms_solvent             11 
_refine_hist.number_atoms_total               164 
_refine_hist.d_res_high                       1.20 
_refine_hist.d_res_low                        22.76 
# 
loop_
_refine_ls_restr.type 
_refine_ls_restr.dev_ideal 
_refine_ls_restr.dev_ideal_target 
_refine_ls_restr.weight 
_refine_ls_restr.number 
_refine_ls_restr.pdbx_refine_id 
_refine_ls_restr.pdbx_restraint_function 
f_bond_d           0.010  ? ? 177 'X-RAY DIFFRACTION' ? 
f_angle_d          2.009  ? ? 242 'X-RAY DIFFRACTION' ? 
f_dihedral_angle_d 18.118 ? ? 25  'X-RAY DIFFRACTION' ? 
f_chiral_restr     0.098  ? ? 13  'X-RAY DIFFRACTION' ? 
f_plane_restr      0.005  ? ? 24  'X-RAY DIFFRACTION' ? 
# 
loop_
_refine_ls_shell.pdbx_refine_id 
_refine_ls_shell.pdbx_total_number_of_bins_used 
_refine_ls_shell.d_res_high 
_refine_ls_shell.d_res_low 
_refine_ls_shell.number_reflns_R_work 
_refine_ls_shell.R_factor_R_work 
_refine_ls_shell.percent_reflns_obs 
_refine_ls_shell.R_factor_R_free 
_refine_ls_shell.R_factor_R_free_error 
_refine_ls_shell.percent_reflns_R_free 
_refine_ls_shell.number_reflns_R_free 
_refine_ls_shell.number_reflns_all 
_refine_ls_shell.R_factor_all 
'X-RAY DIFFRACTION' . 1.2000 1.2430  492  0.3043 100.00 0.3418 . . 49  . . 
'X-RAY DIFFRACTION' . 1.2600 1.3400  1227 0.2832 100.00 0.3446 . . 133 . . 
'X-RAY DIFFRACTION' . 1.3400 1.4500  1194 0.2120 100.00 0.3354 . . 130 . . 
'X-RAY DIFFRACTION' . 1.4500 1.5900  1257 0.2029 100.00 0.2551 . . 136 . . 
'X-RAY DIFFRACTION' . 1.5900 1.8200  1231 0.2089 100.00 0.1958 . . 128 . . 
'X-RAY DIFFRACTION' . 1.8300 2.2900  1226 0.1720 100.00 0.1764 . . 134 . . 
'X-RAY DIFFRACTION' . 2.3000 22.7600 1227 0.1367 100.00 0.1929 . . 141 . . 
# 
_struct.entry_id                     9BNI 
_struct.title                        'X-ray crystal structure of Cu-TZ4H-H3AH10D tryptophan zipper metallo-beta-sheet peptide' 
_struct.pdbx_model_details           ? 
_struct.pdbx_formula_weight          ? 
_struct.pdbx_formula_weight_method   ? 
_struct.pdbx_model_type_details      ? 
_struct.pdbx_CASP_flag               N 
# 
_struct_keywords.entry_id        9BNI 
_struct_keywords.text            'beta-sheet, DE NOVO PROTEIN' 
_struct_keywords.pdbx_keywords   'DE NOVO PROTEIN' 
# 
loop_
_struct_asym.id 
_struct_asym.pdbx_blank_PDB_chainid_flag 
_struct_asym.pdbx_modified 
_struct_asym.entity_id 
_struct_asym.details 
A N N 1 ? 
B N N 2 ? 
C N N 3 ? 
D N N 4 ? 
E N N 5 ? 
F N N 5 ? 
G N N 5 ? 
H N N 6 ? 
# 
_struct_ref.id                         1 
_struct_ref.db_name                    PDB 
_struct_ref.db_code                    9BNI 
_struct_ref.pdbx_db_accession          9BNI 
_struct_ref.pdbx_db_isoform            ? 
_struct_ref.entity_id                  1 
_struct_ref.pdbx_seq_one_letter_code   ? 
_struct_ref.pdbx_align_begin           1 
# 
_struct_ref_seq.align_id                      1 
_struct_ref_seq.ref_id                        1 
_struct_ref_seq.pdbx_PDB_id_code              9BNI 
_struct_ref_seq.pdbx_strand_id                A 
_struct_ref_seq.seq_align_beg                 1 
_struct_ref_seq.pdbx_seq_align_beg_ins_code   ? 
_struct_ref_seq.seq_align_end                 13 
_struct_ref_seq.pdbx_seq_align_end_ins_code   ? 
_struct_ref_seq.pdbx_db_accession             9BNI 
_struct_ref_seq.db_align_beg                  1 
_struct_ref_seq.pdbx_db_align_beg_ins_code    ? 
_struct_ref_seq.db_align_end                  13 
_struct_ref_seq.pdbx_db_align_end_ins_code    ? 
_struct_ref_seq.pdbx_auth_seq_align_beg       1 
_struct_ref_seq.pdbx_auth_seq_align_end       13 
# 
_pdbx_struct_assembly.id                   1 
_pdbx_struct_assembly.details              author_and_software_defined_assembly 
_pdbx_struct_assembly.method_details       PISA 
_pdbx_struct_assembly.oligomeric_details   trimeric 
_pdbx_struct_assembly.oligomeric_count     3 
# 
loop_
_pdbx_struct_assembly_prop.biol_id 
_pdbx_struct_assembly_prop.type 
_pdbx_struct_assembly_prop.value 
_pdbx_struct_assembly_prop.details 
1 'ABSA (A^2)' 2340 ? 
1 MORE         -134 ? 
1 'SSA (A^2)'  3830 ? 
# 
_pdbx_struct_assembly_gen.assembly_id       1 
_pdbx_struct_assembly_gen.oper_expression   1,2,3 
_pdbx_struct_assembly_gen.asym_id_list      A,B,C,D,E,F,G,H 
# 
loop_
_pdbx_struct_oper_list.id 
_pdbx_struct_oper_list.type 
_pdbx_struct_oper_list.name 
_pdbx_struct_oper_list.symmetry_operation 
_pdbx_struct_oper_list.matrix[1][1] 
_pdbx_struct_oper_list.matrix[1][2] 
_pdbx_struct_oper_list.matrix[1][3] 
_pdbx_struct_oper_list.vector[1] 
_pdbx_struct_oper_list.matrix[2][1] 
_pdbx_struct_oper_list.matrix[2][2] 
_pdbx_struct_oper_list.matrix[2][3] 
_pdbx_struct_oper_list.vector[2] 
_pdbx_struct_oper_list.matrix[3][1] 
_pdbx_struct_oper_list.matrix[3][2] 
_pdbx_struct_oper_list.matrix[3][3] 
_pdbx_struct_oper_list.vector[3] 
1 'identity operation'         1_555  x,y,z             1.0000000000  0.0000000000  0.0000000000  0.0000000000   0.0000000000  1.0000000000  0.0000000000  0.0000000000  0.0000000000  0.0000000000  1.0000000000 0.0000000000  
2 'crystal symmetry operation' 8_656  -z+1,x+1/2,-y+3/2 -0.4605326273 -0.6491224424 -0.6054335257 7.9060909888   0.8694512816  -0.1925004502 -0.4549703789 17.2385081837 0.1787852573  -0.7359236587 0.6530330775 10.3649917379 
3 'crystal symmetry operation' 11_466 y-1/2,-z+3/2,-x+1 -0.4605326273 0.8694512816  0.1787852573  -13.2001378923 -0.6491224424 -0.1925004502 -0.7359236587 16.0782843213 -0.6054335257 -0.4549703789 0.6530330775 5.8609406886 
# 
loop_
_struct_conn.id 
_struct_conn.conn_type_id 
_struct_conn.pdbx_leaving_atom_flag 
_struct_conn.pdbx_PDB_id 
_struct_conn.ptnr1_label_asym_id 
_struct_conn.ptnr1_label_comp_id 
_struct_conn.ptnr1_label_seq_id 
_struct_conn.ptnr1_label_atom_id 
_struct_conn.pdbx_ptnr1_label_alt_id 
_struct_conn.pdbx_ptnr1_PDB_ins_code 
_struct_conn.pdbx_ptnr1_standard_comp_id 
_struct_conn.ptnr1_symmetry 
_struct_conn.ptnr2_label_asym_id 
_struct_conn.ptnr2_label_comp_id 
_struct_conn.ptnr2_label_seq_id 
_struct_conn.ptnr2_label_atom_id 
_struct_conn.pdbx_ptnr2_label_alt_id 
_struct_conn.pdbx_ptnr2_PDB_ins_code 
_struct_conn.ptnr1_auth_asym_id 
_struct_conn.ptnr1_auth_comp_id 
_struct_conn.ptnr1_auth_seq_id 
_struct_conn.ptnr2_auth_asym_id 
_struct_conn.ptnr2_auth_comp_id 
_struct_conn.ptnr2_auth_seq_id 
_struct_conn.ptnr2_symmetry 
_struct_conn.pdbx_ptnr3_label_atom_id 
_struct_conn.pdbx_ptnr3_label_seq_id 
_struct_conn.pdbx_ptnr3_label_comp_id 
_struct_conn.pdbx_ptnr3_label_asym_id 
_struct_conn.pdbx_ptnr3_label_alt_id 
_struct_conn.pdbx_ptnr3_PDB_ins_code 
_struct_conn.details 
_struct_conn.pdbx_dist_value 
_struct_conn.pdbx_value_order 
_struct_conn.pdbx_role 
covale1 covale both ? A HIS 12 C   ? ? ? 1_555 A NH2 13 N  ? ? A HIS 12  A NH2 13  1_555  ? ? ? ? ? ? ? 1.431 ? ? 
metalc1 metalc ?    ? A SER 1  N   ? ? ? 1_555 C CU  .  CU ? ? A SER 1   A CU  102 1_555  ? ? ? ? ? ? ? 2.039 ? ? 
metalc2 metalc ?    ? A SER 1  OG  ? ? ? 1_555 C CU  .  CU ? ? A SER 1   A CU  102 1_555  ? ? ? ? ? ? ? 2.073 ? ? 
metalc3 metalc ?    ? A HIS 5  NE2 ? ? ? 1_555 C CU  .  CU ? ? A HIS 5   A CU  102 16_566 ? ? ? ? ? ? ? 2.060 ? ? 
metalc4 metalc ?    ? A HIS 12 ND1 ? ? ? 1_555 C CU  .  CU ? ? A HIS 12  A CU  102 1_555  ? ? ? ? ? ? ? 1.948 ? ? 
metalc5 metalc ?    ? C CU  .  CU  ? ? ? 1_555 F SO4 .  O1 ? ? A CU  102 A SO4 105 1_555  ? ? ? ? ? ? ? 2.152 ? ? 
# 
loop_
_struct_conn_type.id 
_struct_conn_type.criteria 
_struct_conn_type.reference 
covale ? ? 
metalc ? ? 
# 
loop_
_pdbx_struct_conn_angle.id 
_pdbx_struct_conn_angle.ptnr1_label_atom_id 
_pdbx_struct_conn_angle.ptnr1_label_alt_id 
_pdbx_struct_conn_angle.ptnr1_label_asym_id 
_pdbx_struct_conn_angle.ptnr1_label_comp_id 
_pdbx_struct_conn_angle.ptnr1_label_seq_id 
_pdbx_struct_conn_angle.ptnr1_auth_atom_id 
_pdbx_struct_conn_angle.ptnr1_auth_asym_id 
_pdbx_struct_conn_angle.ptnr1_auth_comp_id 
_pdbx_struct_conn_angle.ptnr1_auth_seq_id 
_pdbx_struct_conn_angle.ptnr1_PDB_ins_code 
_pdbx_struct_conn_angle.ptnr1_symmetry 
_pdbx_struct_conn_angle.ptnr2_label_atom_id 
_pdbx_struct_conn_angle.ptnr2_label_alt_id 
_pdbx_struct_conn_angle.ptnr2_label_asym_id 
_pdbx_struct_conn_angle.ptnr2_label_comp_id 
_pdbx_struct_conn_angle.ptnr2_label_seq_id 
_pdbx_struct_conn_angle.ptnr2_auth_atom_id 
_pdbx_struct_conn_angle.ptnr2_auth_asym_id 
_pdbx_struct_conn_angle.ptnr2_auth_comp_id 
_pdbx_struct_conn_angle.ptnr2_auth_seq_id 
_pdbx_struct_conn_angle.ptnr2_PDB_ins_code 
_pdbx_struct_conn_angle.ptnr2_symmetry 
_pdbx_struct_conn_angle.ptnr3_label_atom_id 
_pdbx_struct_conn_angle.ptnr3_label_alt_id 
_pdbx_struct_conn_angle.ptnr3_label_asym_id 
_pdbx_struct_conn_angle.ptnr3_label_comp_id 
_pdbx_struct_conn_angle.ptnr3_label_seq_id 
_pdbx_struct_conn_angle.ptnr3_auth_atom_id 
_pdbx_struct_conn_angle.ptnr3_auth_asym_id 
_pdbx_struct_conn_angle.ptnr3_auth_comp_id 
_pdbx_struct_conn_angle.ptnr3_auth_seq_id 
_pdbx_struct_conn_angle.ptnr3_PDB_ins_code 
_pdbx_struct_conn_angle.ptnr3_symmetry 
_pdbx_struct_conn_angle.value 
_pdbx_struct_conn_angle.value_esd 
1  N   ? A SER 1  ? A SER 1  ? 1_555 CU ? C CU . ? A CU 102 ? 1_555 OG  ? A SER 1  ? A SER 1   ? 1_555 86.5  ? 
2  N   ? A SER 1  ? A SER 1  ? 1_555 CU ? C CU . ? A CU 102 ? 1_555 NE2 ? A HIS 5  ? A HIS 5   ? 1_555 127.7 ? 
3  OG  ? A SER 1  ? A SER 1  ? 1_555 CU ? C CU . ? A CU 102 ? 1_555 NE2 ? A HIS 5  ? A HIS 5   ? 1_555 102.7 ? 
4  N   ? A SER 1  ? A SER 1  ? 1_555 CU ? C CU . ? A CU 102 ? 1_555 ND1 ? A HIS 12 ? A HIS 12  ? 1_555 89.8  ? 
5  OG  ? A SER 1  ? A SER 1  ? 1_555 CU ? C CU . ? A CU 102 ? 1_555 ND1 ? A HIS 12 ? A HIS 12  ? 1_555 175.5 ? 
6  NE2 ? A HIS 5  ? A HIS 5  ? 1_555 CU ? C CU . ? A CU 102 ? 1_555 ND1 ? A HIS 12 ? A HIS 12  ? 1_555 77.6  ? 
7  N   ? A SER 1  ? A SER 1  ? 1_555 CU ? C CU . ? A CU 102 ? 1_555 O1  ? F SO4 .  ? A SO4 105 ? 1_555 103.0 ? 
8  OG  ? A SER 1  ? A SER 1  ? 1_555 CU ? C CU . ? A CU 102 ? 1_555 O1  ? F SO4 .  ? A SO4 105 ? 1_555 88.9  ? 
9  NE2 ? A HIS 5  ? A HIS 5  ? 1_555 CU ? C CU . ? A CU 102 ? 1_555 O1  ? F SO4 .  ? A SO4 105 ? 1_555 128.1 ? 
10 ND1 ? A HIS 12 ? A HIS 12 ? 1_555 CU ? C CU . ? A CU 102 ? 1_555 O1  ? F SO4 .  ? A SO4 105 ? 1_555 94.4  ? 
# 
_pdbx_modification_feature.ordinal                            1 
_pdbx_modification_feature.label_comp_id                      NH2 
_pdbx_modification_feature.label_asym_id                      A 
_pdbx_modification_feature.label_seq_id                       13 
_pdbx_modification_feature.label_alt_id                       ? 
_pdbx_modification_feature.modified_residue_label_comp_id     HIS 
_pdbx_modification_feature.modified_residue_label_asym_id     A 
_pdbx_modification_feature.modified_residue_label_seq_id      12 
_pdbx_modification_feature.modified_residue_label_alt_id      ? 
_pdbx_modification_feature.auth_comp_id                       NH2 
_pdbx_modification_feature.auth_asym_id                       A 
_pdbx_modification_feature.auth_seq_id                        13 
_pdbx_modification_feature.PDB_ins_code                       ? 
_pdbx_modification_feature.symmetry                           1_555 
_pdbx_modification_feature.modified_residue_auth_comp_id      HIS 
_pdbx_modification_feature.modified_residue_auth_asym_id      A 
_pdbx_modification_feature.modified_residue_auth_seq_id       12 
_pdbx_modification_feature.modified_residue_PDB_ins_code      ? 
_pdbx_modification_feature.modified_residue_symmetry          1_555 
_pdbx_modification_feature.comp_id_linking_atom               . 
_pdbx_modification_feature.modified_residue_id_linking_atom   . 
_pdbx_modification_feature.modified_residue_id                HIS 
_pdbx_modification_feature.ref_pcm_id                         19 
_pdbx_modification_feature.ref_comp_id                        NH2 
_pdbx_modification_feature.type                               None 
_pdbx_modification_feature.category                           'Terminal amidation' 
# 
_struct_sheet.id               AA1 
_struct_sheet.type             ? 
_struct_sheet.number_strands   2 
_struct_sheet.details          ? 
# 
_struct_sheet_order.sheet_id     AA1 
_struct_sheet_order.range_id_1   1 
_struct_sheet_order.range_id_2   2 
_struct_sheet_order.offset       ? 
_struct_sheet_order.sense        anti-parallel 
# 
loop_
_struct_sheet_range.sheet_id 
_struct_sheet_range.id 
_struct_sheet_range.beg_label_comp_id 
_struct_sheet_range.beg_label_asym_id 
_struct_sheet_range.beg_label_seq_id 
_struct_sheet_range.pdbx_beg_PDB_ins_code 
_struct_sheet_range.end_label_comp_id 
_struct_sheet_range.end_label_asym_id 
_struct_sheet_range.end_label_seq_id 
_struct_sheet_range.pdbx_end_PDB_ins_code 
_struct_sheet_range.beg_auth_comp_id 
_struct_sheet_range.beg_auth_asym_id 
_struct_sheet_range.beg_auth_seq_id 
_struct_sheet_range.end_auth_comp_id 
_struct_sheet_range.end_auth_asym_id 
_struct_sheet_range.end_auth_seq_id 
AA1 1 TRP A 2 ? HIS A 5  ? TRP A 2 HIS A 5  
AA1 2 LYS A 8 ? TRP A 11 ? LYS A 8 TRP A 11 
# 
_pdbx_struct_sheet_hbond.sheet_id                AA1 
_pdbx_struct_sheet_hbond.range_id_1              1 
_pdbx_struct_sheet_hbond.range_id_2              2 
_pdbx_struct_sheet_hbond.range_1_label_atom_id   N 
_pdbx_struct_sheet_hbond.range_1_label_comp_id   ALA 
_pdbx_struct_sheet_hbond.range_1_label_asym_id   A 
_pdbx_struct_sheet_hbond.range_1_label_seq_id    3 
_pdbx_struct_sheet_hbond.range_1_PDB_ins_code    ? 
_pdbx_struct_sheet_hbond.range_1_auth_atom_id    N 
_pdbx_struct_sheet_hbond.range_1_auth_comp_id    ALA 
_pdbx_struct_sheet_hbond.range_1_auth_asym_id    A 
_pdbx_struct_sheet_hbond.range_1_auth_seq_id     3 
_pdbx_struct_sheet_hbond.range_2_label_atom_id   O 
_pdbx_struct_sheet_hbond.range_2_label_comp_id   ASP 
_pdbx_struct_sheet_hbond.range_2_label_asym_id   A 
_pdbx_struct_sheet_hbond.range_2_label_seq_id    10 
_pdbx_struct_sheet_hbond.range_2_PDB_ins_code    ? 
_pdbx_struct_sheet_hbond.range_2_auth_atom_id    O 
_pdbx_struct_sheet_hbond.range_2_auth_comp_id    ASP 
_pdbx_struct_sheet_hbond.range_2_auth_asym_id    A 
_pdbx_struct_sheet_hbond.range_2_auth_seq_id     10 
# 
_pdbx_entry_details.entry_id                   9BNI 
_pdbx_entry_details.nonpolymer_details         ? 
_pdbx_entry_details.sequence_details           ? 
_pdbx_entry_details.compound_details           ? 
_pdbx_entry_details.source_details             ? 
_pdbx_entry_details.has_ligand_of_interest     Y 
_pdbx_entry_details.has_protein_modification   Y 
# 
loop_
_pdbx_validate_symm_contact.id 
_pdbx_validate_symm_contact.PDB_model_num 
_pdbx_validate_symm_contact.auth_atom_id_1 
_pdbx_validate_symm_contact.auth_asym_id_1 
_pdbx_validate_symm_contact.auth_comp_id_1 
_pdbx_validate_symm_contact.auth_seq_id_1 
_pdbx_validate_symm_contact.PDB_ins_code_1 
_pdbx_validate_symm_contact.label_alt_id_1 
_pdbx_validate_symm_contact.site_symmetry_1 
_pdbx_validate_symm_contact.auth_atom_id_2 
_pdbx_validate_symm_contact.auth_asym_id_2 
_pdbx_validate_symm_contact.auth_comp_id_2 
_pdbx_validate_symm_contact.auth_seq_id_2 
_pdbx_validate_symm_contact.PDB_ins_code_2 
_pdbx_validate_symm_contact.label_alt_id_2 
_pdbx_validate_symm_contact.site_symmetry_2 
_pdbx_validate_symm_contact.dist 
1 1 O1 A P6G 103 ? ? 1_555 C2 A P6G 103 ? ? 15_556 1.42 
2 1 NZ A LYS 8   ? ? 1_555 O1 A SO4 104 ? ? 5_555  2.17 
3 1 O1 A P6G 103 ? ? 1_555 C3 A P6G 103 ? ? 15_556 2.17 
# 
loop_
_pdbx_struct_special_symmetry.id 
_pdbx_struct_special_symmetry.PDB_model_num 
_pdbx_struct_special_symmetry.auth_asym_id 
_pdbx_struct_special_symmetry.auth_comp_id 
_pdbx_struct_special_symmetry.auth_seq_id 
_pdbx_struct_special_symmetry.PDB_ins_code 
_pdbx_struct_special_symmetry.label_asym_id 
_pdbx_struct_special_symmetry.label_comp_id 
_pdbx_struct_special_symmetry.label_seq_id 
1 1 A CL  101 ? B CL  . 
2 1 A P6G 103 ? D P6G . 
3 1 A SO4 104 ? E SO4 . 
4 1 A SO4 106 ? G SO4 . 
# 
loop_
_space_group_symop.id 
_space_group_symop.operation_xyz 
1  x,y,z             
2  z,x,y             
3  y,z,x             
4  -y,-z+1/2,x       
5  z,-x,-y+1/2       
6  -y+1/2,z,-x       
7  -z,-x+1/2,y       
8  -z+1/2,x,-y       
9  y,-z,-x+1/2       
10 x,-y,-z+1/2       
11 -x+1/2,y,-z       
12 -x,-y+1/2,z       
13 x+1/2,y+1/2,z+1/2 
14 z+1/2,x+1/2,y+1/2 
15 y+1/2,z+1/2,x+1/2 
16 -y+1/2,-z+1,x+1/2 
17 z+1/2,-x+1/2,-y+1 
18 -y+1,z+1/2,-x+1/2 
19 -z+1/2,-x+1,y+1/2 
20 -z+1,x+1/2,-y+1/2 
21 y+1/2,-z+1/2,-x+1 
22 x+1/2,-y+1/2,-z+1 
23 -x+1,y+1/2,-z+1/2 
24 -x+1/2,-y+1,z+1/2 
# 
loop_
_chem_comp_atom.comp_id 
_chem_comp_atom.atom_id 
_chem_comp_atom.type_symbol 
_chem_comp_atom.pdbx_aromatic_flag 
_chem_comp_atom.pdbx_stereo_config 
_chem_comp_atom.pdbx_ordinal 
ALA N    N  N N 1   
ALA CA   C  N S 2   
ALA C    C  N N 3   
ALA O    O  N N 4   
ALA CB   C  N N 5   
ALA OXT  O  N N 6   
ALA H    H  N N 7   
ALA H2   H  N N 8   
ALA HA   H  N N 9   
ALA HB1  H  N N 10  
ALA HB2  H  N N 11  
ALA HB3  H  N N 12  
ALA HXT  H  N N 13  
ASN N    N  N N 14  
ASN CA   C  N S 15  
ASN C    C  N N 16  
ASN O    O  N N 17  
ASN CB   C  N N 18  
ASN CG   C  N N 19  
ASN OD1  O  N N 20  
ASN ND2  N  N N 21  
ASN OXT  O  N N 22  
ASN H    H  N N 23  
ASN H2   H  N N 24  
ASN HA   H  N N 25  
ASN HB2  H  N N 26  
ASN HB3  H  N N 27  
ASN HD21 H  N N 28  
ASN HD22 H  N N 29  
ASN HXT  H  N N 30  
ASP N    N  N N 31  
ASP CA   C  N S 32  
ASP C    C  N N 33  
ASP O    O  N N 34  
ASP CB   C  N N 35  
ASP CG   C  N N 36  
ASP OD1  O  N N 37  
ASP OD2  O  N N 38  
ASP OXT  O  N N 39  
ASP H    H  N N 40  
ASP H2   H  N N 41  
ASP HA   H  N N 42  
ASP HB2  H  N N 43  
ASP HB3  H  N N 44  
ASP HD2  H  N N 45  
ASP HXT  H  N N 46  
CL  CL   CL N N 47  
CU  CU   CU N N 48  
GLY N    N  N N 49  
GLY CA   C  N N 50  
GLY C    C  N N 51  
GLY O    O  N N 52  
GLY OXT  O  N N 53  
GLY H    H  N N 54  
GLY H2   H  N N 55  
GLY HA2  H  N N 56  
GLY HA3  H  N N 57  
GLY HXT  H  N N 58  
HIS N    N  N N 59  
HIS CA   C  N S 60  
HIS C    C  N N 61  
HIS O    O  N N 62  
HIS CB   C  N N 63  
HIS CG   C  Y N 64  
HIS ND1  N  Y N 65  
HIS CD2  C  Y N 66  
HIS CE1  C  Y N 67  
HIS NE2  N  Y N 68  
HIS OXT  O  N N 69  
HIS H    H  N N 70  
HIS H2   H  N N 71  
HIS HA   H  N N 72  
HIS HB2  H  N N 73  
HIS HB3  H  N N 74  
HIS HD1  H  N N 75  
HIS HD2  H  N N 76  
HIS HE1  H  N N 77  
HIS HE2  H  N N 78  
HIS HXT  H  N N 79  
HOH O    O  N N 80  
HOH H1   H  N N 81  
HOH H2   H  N N 82  
LYS N    N  N N 83  
LYS CA   C  N S 84  
LYS C    C  N N 85  
LYS O    O  N N 86  
LYS CB   C  N N 87  
LYS CG   C  N N 88  
LYS CD   C  N N 89  
LYS CE   C  N N 90  
LYS NZ   N  N N 91  
LYS OXT  O  N N 92  
LYS H    H  N N 93  
LYS H2   H  N N 94  
LYS HA   H  N N 95  
LYS HB2  H  N N 96  
LYS HB3  H  N N 97  
LYS HG2  H  N N 98  
LYS HG3  H  N N 99  
LYS HD2  H  N N 100 
LYS HD3  H  N N 101 
LYS HE2  H  N N 102 
LYS HE3  H  N N 103 
LYS HZ1  H  N N 104 
LYS HZ2  H  N N 105 
LYS HZ3  H  N N 106 
LYS HXT  H  N N 107 
NH2 N    N  N N 108 
NH2 HN1  H  N N 109 
NH2 HN2  H  N N 110 
P6G O1   O  N N 111 
P6G C2   C  N N 112 
P6G C3   C  N N 113 
P6G O4   O  N N 114 
P6G C5   C  N N 115 
P6G C6   C  N N 116 
P6G O7   O  N N 117 
P6G C8   C  N N 118 
P6G C9   C  N N 119 
P6G O10  O  N N 120 
P6G C11  C  N N 121 
P6G C12  C  N N 122 
P6G O13  O  N N 123 
P6G C14  C  N N 124 
P6G C15  C  N N 125 
P6G O16  O  N N 126 
P6G C17  C  N N 127 
P6G C18  C  N N 128 
P6G O19  O  N N 129 
P6G H1   H  N N 130 
P6G H21  H  N N 131 
P6G H22  H  N N 132 
P6G H31  H  N N 133 
P6G H32  H  N N 134 
P6G H51  H  N N 135 
P6G H52  H  N N 136 
P6G H61  H  N N 137 
P6G H62  H  N N 138 
P6G H81  H  N N 139 
P6G H82  H  N N 140 
P6G H91  H  N N 141 
P6G H92  H  N N 142 
P6G H111 H  N N 143 
P6G H112 H  N N 144 
P6G H121 H  N N 145 
P6G H122 H  N N 146 
P6G H141 H  N N 147 
P6G H142 H  N N 148 
P6G H151 H  N N 149 
P6G H152 H  N N 150 
P6G H171 H  N N 151 
P6G H172 H  N N 152 
P6G H181 H  N N 153 
P6G H182 H  N N 154 
P6G H19  H  N N 155 
SER N    N  N N 156 
SER CA   C  N S 157 
SER C    C  N N 158 
SER O    O  N N 159 
SER CB   C  N N 160 
SER OG   O  N N 161 
SER OXT  O  N N 162 
SER H    H  N N 163 
SER H2   H  N N 164 
SER HA   H  N N 165 
SER HB2  H  N N 166 
SER HB3  H  N N 167 
SER HG   H  N N 168 
SER HXT  H  N N 169 
SO4 S    S  N N 170 
SO4 O1   O  N N 171 
SO4 O2   O  N N 172 
SO4 O3   O  N N 173 
SO4 O4   O  N N 174 
TRP N    N  N N 175 
TRP CA   C  N S 176 
TRP C    C  N N 177 
TRP O    O  N N 178 
TRP CB   C  N N 179 
TRP CG   C  Y N 180 
TRP CD1  C  Y N 181 
TRP CD2  C  Y N 182 
TRP NE1  N  Y N 183 
TRP CE2  C  Y N 184 
TRP CE3  C  Y N 185 
TRP CZ2  C  Y N 186 
TRP CZ3  C  Y N 187 
TRP CH2  C  Y N 188 
TRP OXT  O  N N 189 
TRP H    H  N N 190 
TRP H2   H  N N 191 
TRP HA   H  N N 192 
TRP HB2  H  N N 193 
TRP HB3  H  N N 194 
TRP HD1  H  N N 195 
TRP HE1  H  N N 196 
TRP HE3  H  N N 197 
TRP HZ2  H  N N 198 
TRP HZ3  H  N N 199 
TRP HH2  H  N N 200 
TRP HXT  H  N N 201 
# 
loop_
_chem_comp_bond.comp_id 
_chem_comp_bond.atom_id_1 
_chem_comp_bond.atom_id_2 
_chem_comp_bond.value_order 
_chem_comp_bond.pdbx_aromatic_flag 
_chem_comp_bond.pdbx_stereo_config 
_chem_comp_bond.pdbx_ordinal 
ALA N   CA   sing N N 1   
ALA N   H    sing N N 2   
ALA N   H2   sing N N 3   
ALA CA  C    sing N N 4   
ALA CA  CB   sing N N 5   
ALA CA  HA   sing N N 6   
ALA C   O    doub N N 7   
ALA C   OXT  sing N N 8   
ALA CB  HB1  sing N N 9   
ALA CB  HB2  sing N N 10  
ALA CB  HB3  sing N N 11  
ALA OXT HXT  sing N N 12  
ASN N   CA   sing N N 13  
ASN N   H    sing N N 14  
ASN N   H2   sing N N 15  
ASN CA  C    sing N N 16  
ASN CA  CB   sing N N 17  
ASN CA  HA   sing N N 18  
ASN C   O    doub N N 19  
ASN C   OXT  sing N N 20  
ASN CB  CG   sing N N 21  
ASN CB  HB2  sing N N 22  
ASN CB  HB3  sing N N 23  
ASN CG  OD1  doub N N 24  
ASN CG  ND2  sing N N 25  
ASN ND2 HD21 sing N N 26  
ASN ND2 HD22 sing N N 27  
ASN OXT HXT  sing N N 28  
ASP N   CA   sing N N 29  
ASP N   H    sing N N 30  
ASP N   H2   sing N N 31  
ASP CA  C    sing N N 32  
ASP CA  CB   sing N N 33  
ASP CA  HA   sing N N 34  
ASP C   O    doub N N 35  
ASP C   OXT  sing N N 36  
ASP CB  CG   sing N N 37  
ASP CB  HB2  sing N N 38  
ASP CB  HB3  sing N N 39  
ASP CG  OD1  doub N N 40  
ASP CG  OD2  sing N N 41  
ASP OD2 HD2  sing N N 42  
ASP OXT HXT  sing N N 43  
GLY N   CA   sing N N 44  
GLY N   H    sing N N 45  
GLY N   H2   sing N N 46  
GLY CA  C    sing N N 47  
GLY CA  HA2  sing N N 48  
GLY CA  HA3  sing N N 49  
GLY C   O    doub N N 50  
GLY C   OXT  sing N N 51  
GLY OXT HXT  sing N N 52  
HIS N   CA   sing N N 53  
HIS N   H    sing N N 54  
HIS N   H2   sing N N 55  
HIS CA  C    sing N N 56  
HIS CA  CB   sing N N 57  
HIS CA  HA   sing N N 58  
HIS C   O    doub N N 59  
HIS C   OXT  sing N N 60  
HIS CB  CG   sing N N 61  
HIS CB  HB2  sing N N 62  
HIS CB  HB3  sing N N 63  
HIS CG  ND1  sing Y N 64  
HIS CG  CD2  doub Y N 65  
HIS ND1 CE1  doub Y N 66  
HIS ND1 HD1  sing N N 67  
HIS CD2 NE2  sing Y N 68  
HIS CD2 HD2  sing N N 69  
HIS CE1 NE2  sing Y N 70  
HIS CE1 HE1  sing N N 71  
HIS NE2 HE2  sing N N 72  
HIS OXT HXT  sing N N 73  
HOH O   H1   sing N N 74  
HOH O   H2   sing N N 75  
LYS N   CA   sing N N 76  
LYS N   H    sing N N 77  
LYS N   H2   sing N N 78  
LYS CA  C    sing N N 79  
LYS CA  CB   sing N N 80  
LYS CA  HA   sing N N 81  
LYS C   O    doub N N 82  
LYS C   OXT  sing N N 83  
LYS CB  CG   sing N N 84  
LYS CB  HB2  sing N N 85  
LYS CB  HB3  sing N N 86  
LYS CG  CD   sing N N 87  
LYS CG  HG2  sing N N 88  
LYS CG  HG3  sing N N 89  
LYS CD  CE   sing N N 90  
LYS CD  HD2  sing N N 91  
LYS CD  HD3  sing N N 92  
LYS CE  NZ   sing N N 93  
LYS CE  HE2  sing N N 94  
LYS CE  HE3  sing N N 95  
LYS NZ  HZ1  sing N N 96  
LYS NZ  HZ2  sing N N 97  
LYS NZ  HZ3  sing N N 98  
LYS OXT HXT  sing N N 99  
NH2 N   HN1  sing N N 100 
NH2 N   HN2  sing N N 101 
P6G O1  C2   sing N N 102 
P6G O1  H1   sing N N 103 
P6G C2  C3   sing N N 104 
P6G C2  H21  sing N N 105 
P6G C2  H22  sing N N 106 
P6G C3  O4   sing N N 107 
P6G C3  H31  sing N N 108 
P6G C3  H32  sing N N 109 
P6G O4  C5   sing N N 110 
P6G C5  C6   sing N N 111 
P6G C5  H51  sing N N 112 
P6G C5  H52  sing N N 113 
P6G C6  O7   sing N N 114 
P6G C6  H61  sing N N 115 
P6G C6  H62  sing N N 116 
P6G O7  C8   sing N N 117 
P6G C8  C9   sing N N 118 
P6G C8  H81  sing N N 119 
P6G C8  H82  sing N N 120 
P6G C9  O10  sing N N 121 
P6G C9  H91  sing N N 122 
P6G C9  H92  sing N N 123 
P6G O10 C11  sing N N 124 
P6G C11 C12  sing N N 125 
P6G C11 H111 sing N N 126 
P6G C11 H112 sing N N 127 
P6G C12 O13  sing N N 128 
P6G C12 H121 sing N N 129 
P6G C12 H122 sing N N 130 
P6G O13 C14  sing N N 131 
P6G C14 C15  sing N N 132 
P6G C14 H141 sing N N 133 
P6G C14 H142 sing N N 134 
P6G C15 O16  sing N N 135 
P6G C15 H151 sing N N 136 
P6G C15 H152 sing N N 137 
P6G O16 C17  sing N N 138 
P6G C17 C18  sing N N 139 
P6G C17 H171 sing N N 140 
P6G C17 H172 sing N N 141 
P6G C18 O19  sing N N 142 
P6G C18 H181 sing N N 143 
P6G C18 H182 sing N N 144 
P6G O19 H19  sing N N 145 
SER N   CA   sing N N 146 
SER N   H    sing N N 147 
SER N   H2   sing N N 148 
SER CA  C    sing N N 149 
SER CA  CB   sing N N 150 
SER CA  HA   sing N N 151 
SER C   O    doub N N 152 
SER C   OXT  sing N N 153 
SER CB  OG   sing N N 154 
SER CB  HB2  sing N N 155 
SER CB  HB3  sing N N 156 
SER OG  HG   sing N N 157 
SER OXT HXT  sing N N 158 
SO4 S   O1   doub N N 159 
SO4 S   O2   doub N N 160 
SO4 S   O3   sing N N 161 
SO4 S   O4   sing N N 162 
TRP N   CA   sing N N 163 
TRP N   H    sing N N 164 
TRP N   H2   sing N N 165 
TRP CA  C    sing N N 166 
TRP CA  CB   sing N N 167 
TRP CA  HA   sing N N 168 
TRP C   O    doub N N 169 
TRP C   OXT  sing N N 170 
TRP CB  CG   sing N N 171 
TRP CB  HB2  sing N N 172 
TRP CB  HB3  sing N N 173 
TRP CG  CD1  doub Y N 174 
TRP CG  CD2  sing Y N 175 
TRP CD1 NE1  sing Y N 176 
TRP CD1 HD1  sing N N 177 
TRP CD2 CE2  doub Y N 178 
TRP CD2 CE3  sing Y N 179 
TRP NE1 CE2  sing Y N 180 
TRP NE1 HE1  sing N N 181 
TRP CE2 CZ2  sing Y N 182 
TRP CE3 CZ3  doub Y N 183 
TRP CE3 HE3  sing N N 184 
TRP CZ2 CH2  doub Y N 185 
TRP CZ2 HZ2  sing N N 186 
TRP CZ3 CH2  sing Y N 187 
TRP CZ3 HZ3  sing N N 188 
TRP CH2 HH2  sing N N 189 
TRP OXT HXT  sing N N 190 
# 
_pdbx_audit_support.funding_organization   'Department of Energy (DOE, United States)' 
_pdbx_audit_support.country                'United States' 
_pdbx_audit_support.grant_number           DE-AC02-06CH11357 
_pdbx_audit_support.ordinal                1 
# 
_pdbx_initial_refinement_model.id               1 
_pdbx_initial_refinement_model.entity_id_list   ? 
_pdbx_initial_refinement_model.type             'experimental model' 
_pdbx_initial_refinement_model.source_name      Other 
_pdbx_initial_refinement_model.accession_code   ? 
_pdbx_initial_refinement_model.details          'Model solved from SAD phasing at 1.362460 wavelength' 
# 
_space_group.name_H-M_alt     'I 21 3' 
_space_group.name_Hall        'I 2b 2c 3' 
_space_group.IT_number        199 
_space_group.crystal_system   cubic 
_space_group.id               1 
# 
_atom_sites.entry_id                    9BNI 
_atom_sites.fract_transf_matrix[1][1]   0.01634389 
_atom_sites.fract_transf_matrix[1][2]   -0.00474378 
_atom_sites.fract_transf_matrix[1][3]   -0.01389283 
_atom_sites.fract_transf_matrix[2][1]   0.00396358 
_atom_sites.fract_transf_matrix[2][2]   0.02144422 
_atom_sites.fract_transf_matrix[2][3]   -0.00265937 
_atom_sites.fract_transf_matrix[3][1]   0.01413521 
_atom_sites.fract_transf_matrix[3][2]   -0.00052806 
_atom_sites.fract_transf_matrix[3][3]   0.01680934 
_atom_sites.fract_transf_vector[1]      0.429679 
_atom_sites.fract_transf_vector[2]      0.556233 
_atom_sites.fract_transf_vector[3]      0.666864 
# 
loop_
_atom_type.symbol 
_atom_type.scat_dispersion_real 
_atom_type.scat_dispersion_imag 
_atom_type.scat_Cromer_Mann_a1 
_atom_type.scat_Cromer_Mann_a2 
_atom_type.scat_Cromer_Mann_a3 
_atom_type.scat_Cromer_Mann_a4 
_atom_type.scat_Cromer_Mann_b1 
_atom_type.scat_Cromer_Mann_b2 
_atom_type.scat_Cromer_Mann_b3 
_atom_type.scat_Cromer_Mann_b4 
_atom_type.scat_Cromer_Mann_c 
_atom_type.scat_source 
_atom_type.scat_dispersion_source 
C  ? ? 3.54356  2.42580 ? ? 25.62398 1.50364  ? ? 0.0 
;2-Gaussian fit: Grosse-Kunstleve RW, Sauter NK, Adams PD: Newsletter of the IUCr Commission on Crystallographic Computing 2004, 3, 22-31.
;
? 
CL ? ? 9.50761  7.44341 ? ? 1.04373  23.83732 ? ? 0.0 
;2-Gaussian fit: Grosse-Kunstleve RW, Sauter NK, Adams PD: Newsletter of the IUCr Commission on Crystallographic Computing 2004, 3, 22-31.
;
? 
CU ? ? 23.42449 5.47274 ? ? 2.18335  24.96234 ? ? 0.0 
;2-Gaussian fit: Grosse-Kunstleve RW, Sauter NK, Adams PD: Newsletter of the IUCr Commission on Crystallographic Computing 2004, 3, 22-31.
;
? 
H  ? ? 0.51345  0.48472 ? ? 24.73122 6.32584  ? ? 0.0 
;2-Gaussian fit: Grosse-Kunstleve RW, Sauter NK, Adams PD: Newsletter of the IUCr Commission on Crystallographic Computing 2004, 3, 22-31.
;
? 
N  ? ? 4.01032  2.96436 ? ? 19.97189 1.75589  ? ? 0.0 
;2-Gaussian fit: Grosse-Kunstleve RW, Sauter NK, Adams PD: Newsletter of the IUCr Commission on Crystallographic Computing 2004, 3, 22-31.
;
? 
O  ? ? 4.49882  3.47563 ? ? 15.80542 1.70748  ? ? 0.0 
;2-Gaussian fit: Grosse-Kunstleve RW, Sauter NK, Adams PD: Newsletter of the IUCr Commission on Crystallographic Computing 2004, 3, 22-31.
;
? 
S  ? ? 9.55732  6.39887 ? ? 1.23737  29.19336 ? ? 0.0 
;2-Gaussian fit: Grosse-Kunstleve RW, Sauter NK, Adams PD: Newsletter of the IUCr Commission on Crystallographic Computing 2004, 3, 22-31.
;
? 
# 
loop_
_atom_site.group_PDB 
_atom_site.id 
_atom_site.type_symbol 
_atom_site.label_atom_id 
_atom_site.label_alt_id 
_atom_site.label_comp_id 
_atom_site.label_asym_id 
_atom_site.label_entity_id 
_atom_site.label_seq_id 
_atom_site.pdbx_PDB_ins_code 
_atom_site.Cartn_x 
_atom_site.Cartn_y 
_atom_site.Cartn_z 
_atom_site.occupancy 
_atom_site.B_iso_or_equiv 
_atom_site.pdbx_formal_charge 
_atom_site.auth_seq_id 
_atom_site.auth_comp_id 
_atom_site.auth_asym_id 
_atom_site.auth_atom_id 
_atom_site.pdbx_PDB_model_num 
ATOM   1   N  N    . SER A 1 1  ? 2.281  6.892  5.505  1.00 23.56  ? 1   SER A N    1 
ATOM   2   C  CA   . SER A 1 1  ? 3.169  6.670  4.375  1.00 23.17  ? 1   SER A CA   1 
ATOM   3   C  C    . SER A 1 1  ? 2.532  5.647  3.470  1.00 20.90  ? 1   SER A C    1 
ATOM   4   O  O    . SER A 1 1  ? 1.608  4.954  3.877  1.00 21.28  ? 1   SER A O    1 
ATOM   5   C  CB   . SER A 1 1  ? 4.509  6.136  4.859  1.00 24.91  ? 1   SER A CB   1 
ATOM   6   O  OG   . SER A 1 1  ? 4.331  4.966  5.630  1.00 23.78  ? 1   SER A OG   1 
ATOM   7   H  H2   . SER A 1 1  ? 2.190  7.836  5.652  1.00 28.28  ? 1   SER A H2   1 
ATOM   8   H  H3   . SER A 1 1  ? 1.421  6.516  5.303  1.00 28.28  ? 1   SER A H3   1 
ATOM   9   H  HA   . SER A 1 1  ? 3.328  7.498  3.896  1.00 27.81  ? 1   SER A HA   1 
ATOM   10  H  HB2  . SER A 1 1  ? 5.062  5.927  4.090  1.00 29.90  ? 1   SER A HB2  1 
ATOM   11  H  HB3  . SER A 1 1  ? 4.940  6.813  5.405  1.00 29.90  ? 1   SER A HB3  1 
ATOM   12  N  N    . TRP A 1 2  ? 3.040  5.526  2.252  1.00 20.32  ? 2   TRP A N    1 
ATOM   13  C  CA   . TRP A 1 2  ? 2.513  4.518  1.343  1.00 19.57  ? 2   TRP A CA   1 
ATOM   14  C  C    . TRP A 1 2  ? 2.900  3.125  1.828  1.00 18.87  ? 2   TRP A C    1 
ATOM   15  O  O    . TRP A 1 2  ? 4.021  2.890  2.280  1.00 22.50  ? 2   TRP A O    1 
ATOM   16  C  CB   . TRP A 1 2  ? 3.041  4.767  -0.066 1.00 20.87  ? 2   TRP A CB   1 
ATOM   17  C  CG   . TRP A 1 2  ? 2.618  6.075  -0.596 1.00 24.62  ? 2   TRP A CG   1 
ATOM   18  C  CD1  . TRP A 1 2  ? 3.347  7.231  -0.598 1.00 29.96  ? 2   TRP A CD1  1 
ATOM   19  C  CD2  . TRP A 1 2  ? 1.341  6.404  -1.133 1.00 24.35  ? 2   TRP A CD2  1 
ATOM   20  N  NE1  . TRP A 1 2  ? 2.614  8.256  -1.146 1.00 32.73  ? 2   TRP A NE1  1 
ATOM   21  C  CE2  . TRP A 1 2  ? 1.372  7.776  -1.477 1.00 27.76  ? 2   TRP A CE2  1 
ATOM   22  C  CE3  . TRP A 1 2  ? 0.180  5.681  -1.363 1.00 23.87  ? 2   TRP A CE3  1 
ATOM   23  C  CZ2  . TRP A 1 2  ? 0.297  8.431  -2.044 1.00 25.72  ? 2   TRP A CZ2  1 
ATOM   24  C  CZ3  . TRP A 1 2  ? -0.885 6.328  -1.937 1.00 22.96  ? 2   TRP A CZ3  1 
ATOM   25  C  CH2  . TRP A 1 2  ? -0.821 7.702  -2.260 1.00 19.07  ? 2   TRP A CH2  1 
ATOM   26  H  H    . TRP A 1 2  ? 3.680  6.006  1.933  1.00 24.40  ? 2   TRP A H    1 
ATOM   27  H  HA   . TRP A 1 2  ? 1.545  4.567  1.311  1.00 23.49  ? 2   TRP A HA   1 
ATOM   28  H  HB2  . TRP A 1 2  ? 4.011  4.746  -0.051 1.00 25.06  ? 2   TRP A HB2  1 
ATOM   29  H  HB3  . TRP A 1 2  ? 2.703  4.077  -0.658 1.00 25.06  ? 2   TRP A HB3  1 
ATOM   30  H  HD1  . TRP A 1 2  ? 4.215  7.312  -0.275 1.00 35.96  ? 2   TRP A HD1  1 
ATOM   31  H  HE1  . TRP A 1 2  ? 2.888  9.062  -1.263 1.00 39.29  ? 2   TRP A HE1  1 
ATOM   32  H  HE3  . TRP A 1 2  ? 0.125  4.781  -1.135 1.00 28.66  ? 2   TRP A HE3  1 
ATOM   33  H  HZ2  . TRP A 1 2  ? 0.338  9.334  -2.266 1.00 30.88  ? 2   TRP A HZ2  1 
ATOM   34  H  HZ3  . TRP A 1 2  ? -1.663 5.854  -2.117 1.00 27.56  ? 2   TRP A HZ3  1 
ATOM   35  H  HH2  . TRP A 1 2  ? -1.567 8.116  -2.631 1.00 22.89  ? 2   TRP A HH2  1 
ATOM   36  N  N    . ALA A 1 3  ? 1.964  2.192  1.707  1.00 16.44  ? 3   ALA A N    1 
ATOM   37  C  CA   . ALA A 1 3  ? 2.144  0.807  2.128  1.00 15.96  ? 3   ALA A CA   1 
ATOM   38  C  C    . ALA A 1 3  ? 1.762  -0.130 0.985  1.00 15.17  ? 3   ALA A C    1 
ATOM   39  O  O    . ALA A 1 3  ? 0.984  0.244  0.109  1.00 16.97  ? 3   ALA A O    1 
ATOM   40  C  CB   . ALA A 1 3  ? 1.267  0.536  3.368  1.00 17.55  ? 3   ALA A CB   1 
ATOM   41  H  H    . ALA A 1 3  ? 1.186  2.341  1.371  1.00 19.74  ? 3   ALA A H    1 
ATOM   42  H  HA   . ALA A 1 3  ? 3.070  0.622  2.346  1.00 19.16  ? 3   ALA A HA   1 
ATOM   43  H  HB1  . ALA A 1 3  ? 1.314  -0.407 3.588  1.00 21.06  ? 3   ALA A HB1  1 
ATOM   44  H  HB2  . ALA A 1 3  ? 1.597  1.066  4.110  1.00 21.06  ? 3   ALA A HB2  1 
ATOM   45  H  HB3  . ALA A 1 3  ? 0.351  0.783  3.167  1.00 21.06  ? 3   ALA A HB3  1 
ATOM   46  N  N    A TRP A 1 4  ? 2.301  -1.343 1.022  0.68 14.45  ? 4   TRP A N    1 
ATOM   47  N  N    B TRP A 1 4  ? 2.355  -1.346 0.989  0.32 15.76  ? 4   TRP A N    1 
ATOM   48  C  CA   A TRP A 1 4  ? 1.988  -2.353 0.028  0.68 14.10  ? 4   TRP A CA   1 
ATOM   49  C  CA   B TRP A 1 4  ? 2.046  -2.411 0.032  0.32 16.27  ? 4   TRP A CA   1 
ATOM   50  C  C    A TRP A 1 4  ? 1.203  -3.481 0.662  0.68 13.23  ? 4   TRP A C    1 
ATOM   51  C  C    B TRP A 1 4  ? 1.181  -3.466 0.696  0.32 15.22  ? 4   TRP A C    1 
ATOM   52  O  O    A TRP A 1 4  ? 1.565  -3.978 1.726  0.68 13.97  ? 4   TRP A O    1 
ATOM   53  O  O    B TRP A 1 4  ? 1.463  -3.899 1.815  0.32 15.80  ? 4   TRP A O    1 
ATOM   54  C  CB   A TRP A 1 4  ? 3.253  -2.910 -0.625 0.68 13.67  ? 4   TRP A CB   1 
ATOM   55  C  CB   B TRP A 1 4  ? 3.300  -3.134 -0.490 0.32 17.52  ? 4   TRP A CB   1 
ATOM   56  C  CG   A TRP A 1 4  ? 2.952  -3.927 -1.662 0.68 12.08  ? 4   TRP A CG   1 
ATOM   57  C  CG   B TRP A 1 4  ? 3.036  -4.279 -1.513 0.32 17.20  ? 4   TRP A CG   1 
ATOM   58  C  CD1  A TRP A 1 4  ? 2.745  -3.710 -2.988 0.68 14.58  ? 4   TRP A CD1  1 
ATOM   59  C  CD1  B TRP A 1 4  ? 2.718  -4.140 -2.840 0.32 17.16  ? 4   TRP A CD1  1 
ATOM   60  C  CD2  A TRP A 1 4  ? 2.779  -5.331 -1.450 0.68 11.93  ? 4   TRP A CD2  1 
ATOM   61  C  CD2  B TRP A 1 4  ? 3.067  -5.705 -1.270 0.32 15.92  ? 4   TRP A CD2  1 
ATOM   62  N  NE1  A TRP A 1 4  ? 2.475  -4.894 -3.624 0.68 14.72  ? 4   TRP A NE1  1 
ATOM   63  N  NE1  B TRP A 1 4  ? 2.562  -5.374 -3.429 0.32 16.80  ? 4   TRP A NE1  1 
ATOM   64  C  CE2  A TRP A 1 4  ? 2.492  -5.905 -2.702 0.68 12.93  ? 4   TRP A CE2  1 
ATOM   65  C  CE2  B TRP A 1 4  ? 2.765  -6.347 -2.486 0.32 15.49  ? 4   TRP A CE2  1 
ATOM   66  C  CE3  A TRP A 1 4  ? 2.853  -6.160 -0.322 0.68 11.56  ? 4   TRP A CE3  1 
ATOM   67  C  CE3  B TRP A 1 4  ? 3.316  -6.496 -0.144 0.32 14.36  ? 4   TRP A CE3  1 
ATOM   68  C  CZ2  A TRP A 1 4  ? 2.275  -7.258 -2.862 0.68 12.05  ? 4   TRP A CZ2  1 
ATOM   69  C  CZ2  B TRP A 1 4  ? 2.717  -7.727 -2.607 0.32 11.79  ? 4   TRP A CZ2  1 
ATOM   70  C  CZ3  A TRP A 1 4  ? 2.657  -7.515 -0.499 0.68 11.64  ? 4   TRP A CZ3  1 
ATOM   71  C  CZ3  B TRP A 1 4  ? 3.257  -7.876 -0.280 0.32 13.88  ? 4   TRP A CZ3  1 
ATOM   72  C  CH2  A TRP A 1 4  ? 2.338  -8.037 -1.748 0.68 9.69   ? 4   TRP A CH2  1 
ATOM   73  C  CH2  B TRP A 1 4  ? 2.950  -8.469 -1.487 0.32 9.69   ? 4   TRP A CH2  1 
ATOM   74  H  H    A TRP A 1 4  ? 2.857  -1.605 1.622  0.68 17.34  ? 4   TRP A H    1 
ATOM   75  H  H    B TRP A 1 4  ? 2.956  -1.576 1.558  0.32 18.92  ? 4   TRP A H    1 
ATOM   76  H  HA   A TRP A 1 4  ? 1.440  -1.945 -0.661 0.68 16.93  ? 4   TRP A HA   1 
ATOM   77  H  HA   B TRP A 1 4  ? 1.588  -1.995 -0.715 0.32 19.54  ? 4   TRP A HA   1 
ATOM   78  H  HB2  A TRP A 1 4  ? 3.739  -2.184 -1.046 0.68 16.42  ? 4   TRP A HB2  1 
ATOM   79  H  HB2  B TRP A 1 4  ? 3.868  -2.482 -0.928 0.32 21.04  ? 4   TRP A HB2  1 
ATOM   80  H  HB3  A TRP A 1 4  ? 3.804  -3.327 0.056  0.68 16.42  ? 4   TRP A HB3  1 
ATOM   81  H  HB3  B TRP A 1 4  ? 3.765  -3.524 0.266  0.32 21.04  ? 4   TRP A HB3  1 
ATOM   82  H  HD1  A TRP A 1 4  ? 2.781  -2.878 -3.403 0.68 17.50  ? 4   TRP A HD1  1 
ATOM   83  H  HD1  B TRP A 1 4  ? 2.621  -3.326 -3.280 0.32 20.60  ? 4   TRP A HD1  1 
ATOM   84  H  HE1  A TRP A 1 4  ? 2.319  -4.987 -4.464 0.68 17.67  ? 4   TRP A HE1  1 
ATOM   85  H  HE1  B TRP A 1 4  ? 2.368  -5.512 -4.254 0.32 20.17  ? 4   TRP A HE1  1 
ATOM   86  H  HE3  A TRP A 1 4  ? 3.030  -5.807 0.519  0.68 13.88  ? 4   TRP A HE3  1 
ATOM   87  H  HE3  B TRP A 1 4  ? 3.516  -6.107 0.676  0.32 17.24  ? 4   TRP A HE3  1 
ATOM   88  H  HZ2  A TRP A 1 4  ? 2.092  -7.624 -3.697 0.68 14.47  ? 4   TRP A HZ2  1 
ATOM   89  H  HZ2  B TRP A 1 4  ? 2.534  -8.134 -3.424 0.32 14.16  ? 4   TRP A HZ2  1 
ATOM   90  H  HZ3  A TRP A 1 4  ? 2.740  -8.089 0.228  0.68 13.98  ? 4   TRP A HZ3  1 
ATOM   91  H  HZ3  B TRP A 1 4  ? 3.427  -8.413 0.459  0.32 16.67  ? 4   TRP A HZ3  1 
ATOM   92  H  HH2  A TRP A 1 4  ? 2.163  -8.947 -1.824 0.68 11.63  ? 4   TRP A HH2  1 
ATOM   93  H  HH2  B TRP A 1 4  ? 2.900  -9.397 -1.537 0.32 11.63  ? 4   TRP A HH2  1 
ATOM   94  N  N    . HIS A 1 5  ? 0.141  -3.895 -0.007 1.00 15.20  ? 5   HIS A N    1 
ATOM   95  C  CA   . HIS A 1 5  ? -0.727 -4.932 0.500  1.00 15.44  ? 5   HIS A CA   1 
ATOM   96  C  C    . HIS A 1 5  ? -1.503 -5.515 -0.663 1.00 16.41  ? 5   HIS A C    1 
ATOM   97  O  O    . HIS A 1 5  ? -2.134 -4.771 -1.419 1.00 17.09  ? 5   HIS A O    1 
ATOM   98  C  CB   . HIS A 1 5  ? -1.681 -4.300 1.510  1.00 17.64  ? 5   HIS A CB   1 
ATOM   99  C  CG   . HIS A 1 5  ? -2.538 -5.285 2.214  1.00 17.99  ? 5   HIS A CG   1 
ATOM   100 N  ND1  . HIS A 1 5  ? -3.845 -5.027 2.567  1.00 20.89  ? 5   HIS A ND1  1 
ATOM   101 C  CD2  . HIS A 1 5  ? -2.271 -6.539 2.642  1.00 18.44  ? 5   HIS A CD2  1 
ATOM   102 C  CE1  . HIS A 1 5  ? -4.340 -6.080 3.188  1.00 22.80  ? 5   HIS A CE1  1 
ATOM   103 N  NE2  . HIS A 1 5  ? -3.405 -7.014 3.247  1.00 20.54  ? 5   HIS A NE2  1 
ATOM   104 H  H    . HIS A 1 5  ? -0.100 -3.585 -0.771 1.00 18.25  ? 5   HIS A H    1 
ATOM   105 H  HA   . HIS A 1 5  ? -0.226 -5.651 0.915  1.00 18.53  ? 5   HIS A HA   1 
ATOM   106 H  HB2  . HIS A 1 5  ? -1.160 -3.827 2.180  1.00 21.18  ? 5   HIS A HB2  1 
ATOM   107 H  HB3  . HIS A 1 5  ? -2.264 -3.679 1.045  1.00 21.18  ? 5   HIS A HB3  1 
ATOM   108 H  HD1  . HIS A 1 5  ? -4.398 -4.139 2.348  1.00 25.07  ? 5   HIS A HD1  1 
ATOM   109 H  HD2  . HIS A 1 5  ? -1.466 -6.995 2.544  1.00 22.14  ? 5   HIS A HD2  1 
ATOM   110 H  HE1  . HIS A 1 5  ? -5.202 -6.154 3.528  1.00 27.37  ? 5   HIS A HE1  1 
ATOM   111 N  N    . ASN A 1 6  ? -1.426 -6.840 -0.817 1.00 16.91  ? 6   ASN A N    1 
ATOM   112 C  CA   . ASN A 1 6  ? -2.202 -7.564 -1.826 1.00 17.70  ? 6   ASN A CA   1 
ATOM   113 C  C    . ASN A 1 6  ? -1.987 -7.004 -3.229 1.00 17.97  ? 6   ASN A C    1 
ATOM   114 O  O    . ASN A 1 6  ? -2.918 -6.882 -4.019 1.00 19.27  ? 6   ASN A O    1 
ATOM   115 C  CB   . ASN A 1 6  ? -3.683 -7.574 -1.451 1.00 20.32  ? 6   ASN A CB   1 
ATOM   116 C  CG   . ASN A 1 6  ? -3.953 -8.367 -0.181 1.00 22.54  ? 6   ASN A CG   1 
ATOM   117 O  OD1  . ASN A 1 6  ? -3.192 -9.270 0.184  1.00 24.06  ? 6   ASN A OD1  1 
ATOM   118 N  ND2  . ASN A 1 6  ? -4.998 -7.999 0.521  1.00 24.75  ? 6   ASN A ND2  1 
ATOM   119 H  H    . ASN A 1 6  ? -0.923 -7.349 -0.341 1.00 20.30  ? 6   ASN A H    1 
ATOM   120 H  HA   . ASN A 1 6  ? -1.887 -8.481 -1.849 1.00 21.24  ? 6   ASN A HA   1 
ATOM   121 H  HB2  . ASN A 1 6  ? -3.980 -6.662 -1.307 1.00 24.39  ? 6   ASN A HB2  1 
ATOM   122 H  HB3  . ASN A 1 6  ? -4.190 -7.979 -2.172 1.00 24.39  ? 6   ASN A HB3  1 
ATOM   123 H  HD21 . ASN A 1 6  ? -5.485 -7.343 0.255  1.00 29.71  ? 6   ASN A HD21 1 
ATOM   124 H  HD22 . ASN A 1 6  ? -5.194 -8.415 1.248  1.00 29.71  ? 6   ASN A HD22 1 
ATOM   125 N  N    . GLY A 1 7  ? -0.746 -6.657 -3.535 1.00 15.31  ? 7   GLY A N    1 
ATOM   126 C  CA   . GLY A 1 7  ? -0.371 -6.183 -4.841 1.00 16.47  ? 7   GLY A CA   1 
ATOM   127 C  C    . GLY A 1 7  ? -0.547 -4.696 -5.078 1.00 15.16  ? 7   GLY A C    1 
ATOM   128 O  O    . GLY A 1 7  ? -0.081 -4.183 -6.124 1.00 16.06  ? 7   GLY A O    1 
ATOM   129 H  H    . GLY A 1 7  ? -0.089 -6.693 -2.982 1.00 18.38  ? 7   GLY A H    1 
ATOM   130 H  HA2  . GLY A 1 7  ? 0.566  -6.392 -4.985 1.00 19.77  ? 7   GLY A HA2  1 
ATOM   131 H  HA3  . GLY A 1 7  ? -0.904 -6.650 -5.502 1.00 19.77  ? 7   GLY A HA3  1 
ATOM   132 N  N    . LYS A 1 8  ? -1.202 -3.985 -4.147 1.00 15.67  ? 8   LYS A N    1 
ATOM   133 C  CA   . LYS A 1 8  ? -1.540 -2.582 -4.305 1.00 15.96  ? 8   LYS A CA   1 
ATOM   134 C  C    . LYS A 1 8  ? -0.739 -1.707 -3.357 1.00 15.98  ? 8   LYS A C    1 
ATOM   135 O  O    . LYS A 1 8  ? -0.376 -2.111 -2.242 1.00 16.21  ? 8   LYS A O    1 
ATOM   136 C  CB   . LYS A 1 8  ? -3.023 -2.324 -4.059 1.00 17.53  ? 8   LYS A CB   1 
ATOM   137 C  CG   . LYS A 1 8  ? -3.946 -3.089 -4.965 1.00 21.77  ? 8   LYS A CG   1 
ATOM   138 C  CD   . LYS A 1 8  ? -5.343 -3.020 -4.411 1.00 28.20  ? 8   LYS A CD   1 
ATOM   139 C  CE   . LYS A 1 8  ? -6.356 -3.296 -5.455 1.00 34.99  ? 8   LYS A CE   1 
ATOM   140 N  NZ   . LYS A 1 8  ? -7.656 -3.550 -4.786 1.00 38.32  ? 8   LYS A NZ   1 
ATOM   141 H  H    . LYS A 1 8  ? -1.464 -4.313 -3.396 1.00 18.81  ? 8   LYS A H    1 
ATOM   142 H  HA   . LYS A 1 8  ? -1.321 -2.332 -5.217 1.00 19.16  ? 8   LYS A HA   1 
ATOM   143 H  HB2  . LYS A 1 8  ? -3.233 -2.577 -3.146 1.00 21.05  ? 8   LYS A HB2  1 
ATOM   144 H  HB3  . LYS A 1 8  ? -3.199 -1.380 -4.190 1.00 21.05  ? 8   LYS A HB3  1 
ATOM   145 H  HG2  . LYS A 1 8  ? -3.939 -2.696 -5.852 1.00 26.14  ? 8   LYS A HG2  1 
ATOM   146 H  HG3  . LYS A 1 8  ? -3.671 -4.017 -5.011 1.00 26.14  ? 8   LYS A HG3  1 
ATOM   147 H  HD2  . LYS A 1 8  ? -5.443 -3.680 -3.708 1.00 33.84  ? 8   LYS A HD2  1 
ATOM   148 H  HD3  . LYS A 1 8  ? -5.505 -2.131 -4.058 1.00 33.84  ? 8   LYS A HD3  1 
ATOM   149 H  HE2  . LYS A 1 8  ? -6.444 -2.530 -6.044 1.00 41.99  ? 8   LYS A HE2  1 
ATOM   150 H  HE3  . LYS A 1 8  ? -6.102 -4.081 -5.966 1.00 41.99  ? 8   LYS A HE3  1 
ATOM   151 H  HZ1  . LYS A 1 8  ? -8.323 -3.437 -5.366 1.00 45.99  ? 8   LYS A HZ1  1 
ATOM   152 H  HZ2  . LYS A 1 8  ? -7.681 -4.384 -4.476 1.00 45.99  ? 8   LYS A HZ2  1 
ATOM   153 H  HZ3  . LYS A 1 8  ? -7.764 -2.985 -4.107 1.00 45.99  ? 8   LYS A HZ3  1 
ATOM   154 N  N    . TRP A 1 9  ? -0.456 -0.500 -3.844 1.00 14.88  ? 9   TRP A N    1 
ATOM   155 C  CA   . TRP A 1 9  ? 0.205  0.549  -3.086 1.00 16.58  ? 9   TRP A CA   1 
ATOM   156 C  C    . TRP A 1 9  ? -0.832 1.592  -2.690 1.00 16.48  ? 9   TRP A C    1 
ATOM   157 O  O    . TRP A 1 9  ? -1.449 2.215  -3.559 1.00 16.11  ? 9   TRP A O    1 
ATOM   158 C  CB   . TRP A 1 9  ? 1.286  1.222  -3.929 1.00 16.12  ? 9   TRP A CB   1 
ATOM   159 C  CG   . TRP A 1 9  ? 2.540  0.418  -4.064 1.00 15.22  ? 9   TRP A CG   1 
ATOM   160 C  CD1  . TRP A 1 9  ? 2.901  -0.405 -5.085 1.00 15.66  ? 9   TRP A CD1  1 
ATOM   161 C  CD2  . TRP A 1 9  ? 3.570  0.342  -3.099 1.00 14.17  ? 9   TRP A CD2  1 
ATOM   162 N  NE1  . TRP A 1 9  ? 4.123  -0.961 -4.812 1.00 15.17  ? 9   TRP A NE1  1 
ATOM   163 C  CE2  . TRP A 1 9  ? 4.548  -0.516 -3.588 1.00 14.91  ? 9   TRP A CE2  1 
ATOM   164 C  CE3  . TRP A 1 9  ? 3.757  0.936  -1.859 1.00 14.75  ? 9   TRP A CE3  1 
ATOM   165 C  CZ2  . TRP A 1 9  ? 5.700  -0.794 -2.865 1.00 14.78  ? 9   TRP A CZ2  1 
ATOM   166 C  CZ3  . TRP A 1 9  ? 4.897  0.685  -1.171 1.00 16.47  ? 9   TRP A CZ3  1 
ATOM   167 C  CH2  . TRP A 1 9  ? 5.836  -0.176 -1.657 1.00 10.86  ? 9   TRP A CH2  1 
ATOM   168 H  H    . TRP A 1 9  ? -0.647 -0.259 -4.647 1.00 17.87  ? 9   TRP A H    1 
ATOM   169 H  HA   . TRP A 1 9  ? 0.606  0.163  -2.290 1.00 19.90  ? 9   TRP A HA   1 
ATOM   170 H  HB2  . TRP A 1 9  ? 0.934  1.374  -4.820 1.00 19.35  ? 9   TRP A HB2  1 
ATOM   171 H  HB3  . TRP A 1 9  ? 1.520  2.068  -3.516 1.00 19.35  ? 9   TRP A HB3  1 
ATOM   172 H  HD1  . TRP A 1 9  ? 2.397  -0.565 -5.850 1.00 18.80  ? 9   TRP A HD1  1 
ATOM   173 H  HE1  . TRP A 1 9  ? 4.553  -1.503 -5.325 1.00 18.21  ? 9   TRP A HE1  1 
ATOM   174 H  HE3  . TRP A 1 9  ? 3.107  1.500  -1.505 1.00 17.71  ? 9   TRP A HE3  1 
ATOM   175 H  HZ2  . TRP A 1 9  ? 6.350  -1.375 -3.189 1.00 17.75  ? 9   TRP A HZ2  1 
ATOM   176 H  HZ3  . TRP A 1 9  ? 5.041  1.106  -0.355 1.00 19.77  ? 9   TRP A HZ3  1 
ATOM   177 H  HH2  . TRP A 1 9  ? 6.596  -0.347 -1.147 1.00 13.04  ? 9   TRP A HH2  1 
ATOM   178 N  N    . ASP A 1 10 ? -1.025 1.773  -1.382 1.00 17.70  ? 10  ASP A N    1 
ATOM   179 C  CA   A ASP A 1 10 ? -1.993 2.741  -0.893 0.62 18.28  ? 10  ASP A CA   1 
ATOM   180 C  CA   B ASP A 1 10 ? -2.011 2.713  -0.873 0.38 17.96  ? 10  ASP A CA   1 
ATOM   181 C  C    . ASP A 1 10 ? -1.498 3.311  0.428  1.00 18.48  ? 10  ASP A C    1 
ATOM   182 O  O    . ASP A 1 10 ? -0.582 2.784  1.065  1.00 18.12  ? 10  ASP A O    1 
ATOM   183 C  CB   A ASP A 1 10 ? -3.395 2.145  -0.746 0.62 20.61  ? 10  ASP A CB   1 
ATOM   184 C  CB   B ASP A 1 10 ? -3.323 1.988  -0.484 0.38 18.83  ? 10  ASP A CB   1 
ATOM   185 C  CG   A ASP A 1 10 ? -4.482 3.076  -1.273 0.62 22.65  ? 10  ASP A CG   1 
ATOM   186 C  CG   B ASP A 1 10 ? -4.139 1.539  -1.667 0.38 18.59  ? 10  ASP A CG   1 
ATOM   187 O  OD1  A ASP A 1 10 ? -4.436 4.325  -1.054 0.62 21.28  ? 10  ASP A OD1  1 
ATOM   188 O  OD1  B ASP A 1 10 ? -4.730 2.399  -2.334 0.38 19.13  ? 10  ASP A OD1  1 
ATOM   189 O  OD2  A ASP A 1 10 ? -5.400 2.538  -1.899 0.62 23.64  ? 10  ASP A OD2  1 
ATOM   190 O  OD2  B ASP A 1 10 ? -4.226 0.313  -1.909 0.38 18.82  ? 10  ASP A OD2  1 
ATOM   191 H  H    . ASP A 1 10 ? -0.606 1.346  -0.764 1.00 21.25  ? 10  ASP A H    1 
ATOM   192 H  HA   . ASP A 1 10 ? -2.057 3.470  -1.531 1.00 21.55  ? 10  ASP A HA   1 
ATOM   193 H  HB2  A ASP A 1 10 ? -3.441 1.315  -1.245 0.62 24.74  ? 10  ASP A HB2  1 
ATOM   194 H  HB2  B ASP A 1 10 ? -3.102 1.202  0.040  0.38 22.61  ? 10  ASP A HB2  1 
ATOM   195 H  HB3  A ASP A 1 10 ? -3.571 1.977  0.193  0.62 24.74  ? 10  ASP A HB3  1 
ATOM   196 H  HB3  B ASP A 1 10 ? -3.869 2.594  0.041  0.38 22.61  ? 10  ASP A HB3  1 
ATOM   197 N  N    . TRP A 1 11 ? -2.111 4.419  0.822  1.00 19.29  ? 11  TRP A N    1 
ATOM   198 C  CA   . TRP A 1 11 ? -1.760 5.006  2.103  1.00 20.84  ? 11  TRP A CA   1 
ATOM   199 C  C    . TRP A 1 11 ? -2.069 3.991  3.191  1.00 21.36  ? 11  TRP A C    1 
ATOM   200 O  O    . TRP A 1 11 ? -2.982 3.176  3.061  1.00 23.63  ? 11  TRP A O    1 
ATOM   201 C  CB   . TRP A 1 11 ? -2.537 6.304  2.315  1.00 23.40  ? 11  TRP A CB   1 
ATOM   202 C  CG   . TRP A 1 11 ? -1.942 7.197  3.372  1.00 26.88  ? 11  TRP A CG   1 
ATOM   203 C  CD1  . TRP A 1 11 ? -2.454 7.453  4.614  1.00 29.05  ? 11  TRP A CD1  1 
ATOM   204 C  CD2  . TRP A 1 11 ? -0.730 7.957  3.275  1.00 29.90  ? 11  TRP A CD2  1 
ATOM   205 N  NE1  . TRP A 1 11 ? -1.627 8.314  5.298  1.00 30.75  ? 11  TRP A NE1  1 
ATOM   206 C  CE2  . TRP A 1 11 ? -0.566 8.644  4.500  1.00 30.69  ? 11  TRP A CE2  1 
ATOM   207 C  CE3  . TRP A 1 11 ? 0.233  8.123  2.274  1.00 34.08  ? 11  TRP A CE3  1 
ATOM   208 C  CZ2  . TRP A 1 11 ? 0.521  9.475  4.752  1.00 32.37  ? 11  TRP A CZ2  1 
ATOM   209 C  CZ3  . TRP A 1 11 ? 1.315  8.956  2.527  1.00 35.79  ? 11  TRP A CZ3  1 
ATOM   210 C  CH2  . TRP A 1 11 ? 1.446  9.621  3.757  1.00 35.94  ? 11  TRP A CH2  1 
ATOM   211 H  H    . TRP A 1 11 ? -2.717 4.838  0.377  1.00 23.16  ? 11  TRP A H    1 
ATOM   212 H  HA   . TRP A 1 11 ? -0.819 5.235  2.145  1.00 25.02  ? 11  TRP A HA   1 
ATOM   213 H  HB2  . TRP A 1 11 ? -2.550 6.799  1.482  1.00 28.08  ? 11  TRP A HB2  1 
ATOM   214 H  HB3  . TRP A 1 11 ? -3.443 6.085  2.586  1.00 28.08  ? 11  TRP A HB3  1 
ATOM   215 H  HD1  . TRP A 1 11 ? -3.246 7.097  4.947  1.00 34.87  ? 11  TRP A HD1  1 
ATOM   216 H  HE1  . TRP A 1 11 ? -1.757 8.599  6.100  1.00 36.91  ? 11  TRP A HE1  1 
ATOM   217 H  HE3  . TRP A 1 11 ? 0.150  7.686  1.457  1.00 40.90  ? 11  TRP A HE3  1 
ATOM   218 H  HZ2  . TRP A 1 11 ? 0.614  9.914  5.566  1.00 38.85  ? 11  TRP A HZ2  1 
ATOM   219 H  HZ3  . TRP A 1 11 ? 1.963  9.075  1.871  1.00 42.96  ? 11  TRP A HZ3  1 
ATOM   220 H  HH2  . TRP A 1 11 ? 2.181  10.172 3.899  1.00 43.13  ? 11  TRP A HH2  1 
ATOM   221 N  N    . HIS A 1 12 ? -1.303 4.028  4.272  1.00 21.42  ? 12  HIS A N    1 
ATOM   222 C  CA   . HIS A 1 12 ? -1.462 3.021  5.314  1.00 25.18  ? 12  HIS A CA   1 
ATOM   223 C  C    . HIS A 1 12 ? -2.842 3.067  5.974  1.00 30.92  ? 12  HIS A C    1 
ATOM   224 O  O    . HIS A 1 12 ? -3.505 4.098  5.982  1.00 30.91  ? 12  HIS A O    1 
ATOM   225 C  CB   . HIS A 1 12 ? -0.337 3.157  6.345  1.00 27.58  ? 12  HIS A CB   1 
ATOM   226 C  CG   . HIS A 1 12 ? -0.390 4.418  7.149  1.00 28.16  ? 12  HIS A CG   1 
ATOM   227 N  ND1  . HIS A 1 12 ? 0.642  5.333  7.181  1.00 27.27  ? 12  HIS A ND1  1 
ATOM   228 C  CD2  . HIS A 1 12 ? -1.347 4.906  7.975  1.00 29.99  ? 12  HIS A CD2  1 
ATOM   229 C  CE1  . HIS A 1 12 ? 0.320  6.332  7.990  1.00 28.92  ? 12  HIS A CE1  1 
ATOM   230 N  NE2  . HIS A 1 12 ? -0.880 6.095  8.480  1.00 29.90  ? 12  HIS A NE2  1 
ATOM   231 H  H    . HIS A 1 12 ? -0.693 4.616  4.424  1.00 25.71  ? 12  HIS A H    1 
ATOM   232 H  HA   . HIS A 1 12 ? -1.395 2.140  4.912  1.00 30.23  ? 12  HIS A HA   1 
ATOM   233 H  HB2  . HIS A 1 12 ? -0.393 2.413  6.964  1.00 33.11  ? 12  HIS A HB2  1 
ATOM   234 H  HB3  . HIS A 1 12 ? 0.513  3.140  5.881  1.00 33.11  ? 12  HIS A HB3  1 
ATOM   235 H  HD2  . HIS A 1 12 ? -2.167 4.510  8.163  1.00 36.00  ? 12  HIS A HD2  1 
ATOM   236 H  HE1  . HIS A 1 12 ? 0.851  7.073  8.179  1.00 34.71  ? 12  HIS A HE1  1 
ATOM   237 H  HE2  . HIS A 1 12 ? -1.303 6.603  9.030  1.00 35.89  ? 12  HIS A HE2  1 
HETATM 238 N  N    . NH2 A 1 13 ? -3.147 1.752  6.448  1.00 34.88  ? 13  NH2 A N    1 
HETATM 239 H  HN1  . NH2 A 1 13 ? -2.765 1.541  7.349  1.00 41.87  ? 13  NH2 A HN1  1 
HETATM 240 H  HN2  . NH2 A 1 13 ? -3.536 0.920  6.048  1.00 41.87  ? 13  NH2 A HN2  1 
HETATM 241 CL CL   . CL  B 2 .  ? 0.585  -1.339 -7.499 0.33 31.85  ? 101 CL  A CL   1 
HETATM 242 CU CU   . CU  C 3 .  ? 2.453  5.119  6.495  1.00 25.71  ? 102 CU  A CU   1 
HETATM 243 O  O1   . P6G D 4 .  ? -8.060 17.699 -2.593 1.00 35.27  ? 103 P6G A O1   1 
HETATM 244 C  C2   . P6G D 4 .  ? -7.412 17.260 -3.779 1.00 36.85  ? 103 P6G A C2   1 
HETATM 245 C  C3   . P6G D 4 .  ? -6.757 16.064 -3.176 1.00 37.29  ? 103 P6G A C3   1 
HETATM 246 O  O4   . P6G D 4 .  ? -5.742 15.570 -4.048 1.00 41.79  ? 103 P6G A O4   1 
HETATM 247 C  C5   . P6G D 4 .  ? -5.148 14.378 -3.550 1.00 43.68  ? 103 P6G A C5   1 
HETATM 248 C  C6   . P6G D 4 .  ? -4.116 14.695 -2.517 1.00 46.47  ? 103 P6G A C6   1 
HETATM 249 O  O7   . P6G D 4 .  ? -3.318 13.548 -2.264 1.00 51.83  ? 103 P6G A O7   1 
HETATM 250 C  C8   . P6G D 4 .  ? -4.014 12.552 -1.520 1.00 55.24  ? 103 P6G A C8   1 
HETATM 251 C  C9   . P6G D 4 .  ? -4.159 11.282 -2.299 1.00 57.49  ? 103 P6G A C9   1 
HETATM 252 O  O10  . P6G D 4 .  ? -5.044 10.399 -1.625 1.00 59.70  ? 103 P6G A O10  1 
HETATM 253 C  C11  . P6G D 4 .  ? -5.190 9.137  -2.262 1.00 62.25  ? 103 P6G A C11  1 
HETATM 254 C  C12  . P6G D 4 .  ? -5.848 8.174  -1.319 1.00 65.56  ? 103 P6G A C12  1 
HETATM 255 O  O13  . P6G D 4 .  ? -6.214 6.950  -1.973 1.00 67.79  ? 103 P6G A O13  1 
HETATM 256 C  C14  . P6G D 4 .  ? -7.199 7.112  -2.990 1.00 67.86  ? 103 P6G A C14  1 
HETATM 257 C  C15  . P6G D 4 .  ? -8.310 6.137  -2.787 1.00 67.32  ? 103 P6G A C15  1 
HETATM 258 O  O16  . P6G D 4 .  ? -7.965 4.889  -3.371 1.00 67.64  ? 103 P6G A O16  1 
HETATM 259 C  C17  . P6G D 4 .  ? -7.873 3.845  -2.411 1.00 68.10  ? 103 P6G A C17  1 
HETATM 260 C  C18  . P6G D 4 .  ? -7.793 2.514  -3.095 1.00 68.11  ? 103 P6G A C18  1 
HETATM 261 O  O19  . P6G D 4 .  ? -9.021 2.164  -3.710 1.00 68.48  ? 103 P6G A O19  1 
HETATM 262 H  H21  . P6G D 4 .  ? -7.924 16.994 -4.557 1.00 44.23  ? 103 P6G A H21  1 
HETATM 263 H  H22  . P6G D 4 .  ? -6.733 17.902 -4.037 1.00 44.23  ? 103 P6G A H22  1 
HETATM 264 H  H31  . P6G D 4 .  ? -6.358 16.311 -2.327 1.00 44.75  ? 103 P6G A H31  1 
HETATM 265 H  H32  . P6G D 4 .  ? -7.421 15.373 -3.031 1.00 44.75  ? 103 P6G A H32  1 
HETATM 266 H  H51  . P6G D 4 .  ? -5.835 13.821 -3.154 1.00 52.43  ? 103 P6G A H51  1 
HETATM 267 H  H52  . P6G D 4 .  ? -4.728 13.902 -4.284 1.00 52.43  ? 103 P6G A H52  1 
HETATM 268 H  H61  . P6G D 4 .  ? -3.552 15.416 -2.836 1.00 55.78  ? 103 P6G A H61  1 
HETATM 269 H  H62  . P6G D 4 .  ? -4.556 14.968 -1.697 1.00 55.78  ? 103 P6G A H62  1 
HETATM 270 H  H81  . P6G D 4 .  ? -3.521 12.366 -0.706 1.00 66.30  ? 103 P6G A H81  1 
HETATM 271 H  H82  . P6G D 4 .  ? -4.896 12.886 -1.296 1.00 66.30  ? 103 P6G A H82  1 
HETATM 272 H  H91  . P6G D 4 .  ? -4.516 11.482 -3.179 1.00 69.00  ? 103 P6G A H91  1 
HETATM 273 H  H92  . P6G D 4 .  ? -3.291 10.859 -2.391 1.00 69.00  ? 103 P6G A H92  1 
HETATM 274 H  H111 . P6G D 4 .  ? -5.737 9.237  -3.056 1.00 74.70  ? 103 P6G A H111 1 
HETATM 275 H  H112 . P6G D 4 .  ? -4.316 8.798  -2.513 1.00 74.70  ? 103 P6G A H112 1 
HETATM 276 H  H121 . P6G D 4 .  ? -5.233 7.971  -0.596 1.00 78.67  ? 103 P6G A H121 1 
HETATM 277 H  H122 . P6G D 4 .  ? -6.648 8.587  -0.957 1.00 78.67  ? 103 P6G A H122 1 
HETATM 278 H  H141 . P6G D 4 .  ? -7.553 8.015  -2.953 1.00 81.44  ? 103 P6G A H141 1 
HETATM 279 H  H142 . P6G D 4 .  ? -6.792 6.960  -3.857 1.00 81.44  ? 103 P6G A H142 1 
HETATM 280 H  H151 . P6G D 4 .  ? -8.465 6.016  -1.837 1.00 80.79  ? 103 P6G A H151 1 
HETATM 281 H  H152 . P6G D 4 .  ? -9.117 6.475  -3.206 1.00 80.79  ? 103 P6G A H152 1 
HETATM 282 H  H171 . P6G D 4 .  ? -7.077 3.975  -1.872 1.00 81.73  ? 103 P6G A H171 1 
HETATM 283 H  H172 . P6G D 4 .  ? -8.657 3.864  -1.841 1.00 81.73  ? 103 P6G A H172 1 
HETATM 284 H  H181 . P6G D 4 .  ? -7.101 2.551  -3.774 1.00 81.74  ? 103 P6G A H181 1 
HETATM 285 H  H182 . P6G D 4 .  ? -7.567 1.838  -2.438 1.00 81.74  ? 103 P6G A H182 1 
HETATM 286 H  H19  . P6G D 4 .  ? -9.125 2.484  -4.490 1.00 82.19  ? 103 P6G A H19  1 
HETATM 287 S  S    . SO4 E 5 .  ? -8.512 -5.610 -7.567 0.57 135.59 ? 104 SO4 A S    1 
HETATM 288 O  O1   . SO4 E 5 .  ? -8.438 -4.864 -8.824 0.57 115.05 ? 104 SO4 A O1   1 
HETATM 289 O  O2   . SO4 E 5 .  ? -9.533 -6.657 -7.565 0.57 106.39 ? 104 SO4 A O2   1 
HETATM 290 O  O3   . SO4 E 5 .  ? -7.433 -5.973 -6.648 0.57 120.14 ? 104 SO4 A O3   1 
HETATM 291 O  O4   . SO4 E 5 .  ? -8.992 -4.519 -6.720 0.57 122.87 ? 104 SO4 A O4   1 
HETATM 292 S  S    . SO4 F 5 .  ? 3.704  7.029  8.831  1.00 68.74  ? 105 SO4 A S    1 
HETATM 293 O  O1   . SO4 F 5 .  ? 3.399  5.686  8.344  1.00 67.67  ? 105 SO4 A O1   1 
HETATM 294 O  O2   . SO4 F 5 .  ? 3.028  8.026  7.994  1.00 68.93  ? 105 SO4 A O2   1 
HETATM 295 O  O3   . SO4 F 5 .  ? 3.241  7.154  10.220 1.00 68.50  ? 105 SO4 A O3   1 
HETATM 296 O  O4   . SO4 F 5 .  ? 5.151  7.243  8.762  1.00 68.14  ? 105 SO4 A O4   1 
HETATM 297 S  S    . SO4 G 5 .  ? -2.551 9.163  9.062  0.41 36.01  ? 106 SO4 A S    1 
HETATM 298 O  O1   . SO4 G 5 .  ? -2.965 8.900  7.688  0.41 38.18  ? 106 SO4 A O1   1 
HETATM 299 O  O2   . SO4 G 5 .  ? -3.074 10.453 9.497  0.41 37.24  ? 106 SO4 A O2   1 
HETATM 300 O  O3   . SO4 G 5 .  ? -3.064 8.119  9.952  0.41 39.04  ? 106 SO4 A O3   1 
HETATM 301 O  O4   . SO4 G 5 .  ? -1.092 9.184  9.132  0.41 36.93  ? 106 SO4 A O4   1 
HETATM 302 O  O    . HOH H 6 .  ? -4.030 -1.691 -0.502 1.00 45.72  ? 201 HOH A O    1 
HETATM 303 O  O    . HOH H 6 .  ? 1.054  8.237  10.854 1.00 51.43  ? 202 HOH A O    1 
HETATM 304 O  O    . HOH H 6 .  ? -5.369 -7.167 -4.733 1.00 46.06  ? 203 HOH A O    1 
HETATM 305 O  O    . HOH H 6 .  ? 6.106  3.068  4.018  1.00 19.55  ? 204 HOH A O    1 
HETATM 306 O  O    . HOH H 6 .  ? -5.037 -2.703 1.549  1.00 47.63  ? 205 HOH A O    1 
HETATM 307 O  O    . HOH H 6 .  ? 5.399  7.410  1.519  1.00 44.48  ? 206 HOH A O    1 
HETATM 308 O  O    . HOH H 6 .  ? -0.969 0.115  7.974  1.00 42.32  ? 207 HOH A O    1 
HETATM 309 O  O    . HOH H 6 .  ? -1.977 -0.962 0.417  1.00 39.44  ? 208 HOH A O    1 
HETATM 310 O  O    . HOH H 6 .  ? -6.478 -5.108 -0.467 1.00 49.69  ? 209 HOH A O    1 
HETATM 311 O  O    . HOH H 6 .  ? -2.414 -0.195 2.519  1.00 45.11  ? 210 HOH A O    1 
HETATM 312 O  O    . HOH H 6 .  ? -1.570 -1.944 4.444  1.00 40.42  ? 211 HOH A O    1 
# 
loop_
_atom_site_anisotrop.id 
_atom_site_anisotrop.type_symbol 
_atom_site_anisotrop.pdbx_label_atom_id 
_atom_site_anisotrop.pdbx_label_alt_id 
_atom_site_anisotrop.pdbx_label_comp_id 
_atom_site_anisotrop.pdbx_label_asym_id 
_atom_site_anisotrop.pdbx_label_seq_id 
_atom_site_anisotrop.pdbx_PDB_ins_code 
_atom_site_anisotrop.U[1][1] 
_atom_site_anisotrop.U[2][2] 
_atom_site_anisotrop.U[3][3] 
_atom_site_anisotrop.U[1][2] 
_atom_site_anisotrop.U[1][3] 
_atom_site_anisotrop.U[2][3] 
_atom_site_anisotrop.pdbx_auth_seq_id 
_atom_site_anisotrop.pdbx_auth_comp_id 
_atom_site_anisotrop.pdbx_auth_asym_id 
_atom_site_anisotrop.pdbx_auth_atom_id 
1   N  N   . SER A 1  ? 0.3809 0.2213 0.2929 0.0920  -0.0344 -0.0337 1   SER A N   
2   C  CA  . SER A 1  ? 0.3754 0.2239 0.2808 0.0384  -0.0111 -0.0211 1   SER A CA  
3   C  C   . SER A 1  ? 0.3445 0.2048 0.2447 0.0436  -0.0092 -0.0225 1   SER A C   
4   O  O   . SER A 1  ? 0.3601 0.1965 0.2517 0.0730  0.0157  -0.0292 1   SER A O   
5   C  CB  . SER A 1  ? 0.3680 0.2721 0.3063 0.0427  0.0153  -0.0289 1   SER A CB  
6   O  OG  . SER A 1  ? 0.3843 0.2274 0.2918 0.1113  0.0092  -0.0175 1   SER A OG  
12  N  N   . TRP A 2  ? 0.3270 0.1958 0.2492 0.0472  -0.0162 -0.0110 2   TRP A N   
13  C  CA  . TRP A 2  ? 0.2982 0.2006 0.2445 0.0353  -0.0146 -0.0383 2   TRP A CA  
14  C  C   . TRP A 2  ? 0.2579 0.2180 0.2409 0.0690  -0.0484 -0.0137 2   TRP A C   
15  O  O   . TRP A 2  ? 0.2923 0.2314 0.3311 0.0498  -0.0894 -0.0327 2   TRP A O   
16  C  CB  . TRP A 2  ? 0.2906 0.2289 0.2735 0.0131  -0.0524 0.0069  2   TRP A CB  
17  C  CG  . TRP A 2  ? 0.3088 0.2643 0.3623 0.0269  -0.0564 0.0442  2   TRP A CG  
18  C  CD1 . TRP A 2  ? 0.3328 0.3318 0.4736 0.0584  -0.0709 0.1106  2   TRP A CD1 
19  C  CD2 . TRP A 2  ? 0.3107 0.2674 0.3471 0.0250  -0.0265 0.0709  2   TRP A CD2 
20  N  NE1 . TRP A 2  ? 0.3961 0.3594 0.4881 0.0253  -0.0580 0.1084  2   TRP A NE1 
21  C  CE2 . TRP A 2  ? 0.3251 0.3192 0.4105 0.0392  -0.0492 0.1159  2   TRP A CE2 
22  C  CE3 . TRP A 2  ? 0.3165 0.2629 0.3276 0.0383  -0.0130 0.0961  2   TRP A CE3 
23  C  CZ2 . TRP A 2  ? 0.3037 0.3270 0.3466 0.0277  -0.0271 0.0963  2   TRP A CZ2 
24  C  CZ3 . TRP A 2  ? 0.2543 0.2722 0.3459 0.0444  -0.0218 0.0934  2   TRP A CZ3 
36  N  N   . ALA A 3  ? 0.2306 0.2001 0.1938 0.0446  -0.0162 0.0048  3   ALA A N   
37  C  CA  . ALA A 3  ? 0.2417 0.1993 0.1652 0.0615  -0.0104 0.0131  3   ALA A CA  
38  C  C   . ALA A 3  ? 0.2108 0.2109 0.1547 0.0383  0.0165  0.0273  3   ALA A C   
39  O  O   . ALA A 3  ? 0.2497 0.2378 0.1570 0.0579  -0.0077 0.0178  3   ALA A O   
40  C  CB  . ALA A 3  ? 0.2818 0.2136 0.1712 0.0642  0.0123  -0.0072 3   ALA A CB  
46  N  N   A TRP A 4  ? 0.2112 0.1711 0.1665 0.0210  0.0236  0.0124  4   TRP A N   
47  N  N   B TRP A 4  ? 0.2287 0.2000 0.1699 0.0297  0.0172  0.0150  4   TRP A N   
48  C  CA  A TRP A 4  ? 0.1906 0.1879 0.1570 0.0176  0.0092  0.0139  4   TRP A CA  
49  C  CA  B TRP A 4  ? 0.2223 0.2136 0.1823 0.0284  0.0051  0.0046  4   TRP A CA  
50  C  C   A TRP A 4  ? 0.1703 0.1832 0.1489 0.0153  0.0236  0.0305  4   TRP A C   
51  C  C   B TRP A 4  ? 0.1971 0.2065 0.1746 0.0257  0.0098  0.0235  4   TRP A C   
52  O  O   A TRP A 4  ? 0.1797 0.1751 0.1756 0.0184  0.0229  0.0306  4   TRP A O   
53  O  O   B TRP A 4  ? 0.1981 0.2025 0.1997 0.0466  0.0019  0.0404  4   TRP A O   
54  C  CB  A TRP A 4  ? 0.1787 0.1875 0.1533 0.0046  0.0181  0.0111  4   TRP A CB  
55  C  CB  B TRP A 4  ? 0.2355 0.2305 0.1997 0.0204  0.0121  -0.0128 4   TRP A CB  
56  C  CG  A TRP A 4  ? 0.1772 0.1374 0.1441 0.0001  0.0313  0.0245  4   TRP A CG  
57  C  CG  B TRP A 4  ? 0.2361 0.2258 0.1915 0.0193  0.0156  -0.0002 4   TRP A CG  
58  C  CD1 A TRP A 4  ? 0.2529 0.1356 0.1653 0.0418  0.0376  0.0369  4   TRP A CD1 
59  C  CD1 B TRP A 4  ? 0.2452 0.2121 0.1946 0.0524  0.0171  0.0229  4   TRP A CD1 
60  C  CD2 A TRP A 4  ? 0.1746 0.1404 0.1382 0.0469  0.0121  0.0262  4   TRP A CD2 
61  C  CD2 B TRP A 4  ? 0.2228 0.2030 0.1788 0.0149  0.0030  0.0156  4   TRP A CD2 
62  N  NE1 A TRP A 4  ? 0.2811 0.1409 0.1370 0.0434  0.0334  0.0188  4   TRP A NE1 
63  N  NE1 B TRP A 4  ? 0.2655 0.1906 0.1821 0.0637  0.0123  0.0093  4   TRP A NE1 
64  C  CE2 A TRP A 4  ? 0.2008 0.1536 0.1366 0.0614  0.0233  0.0329  4   TRP A CE2 
65  C  CE2 B TRP A 4  ? 0.2190 0.1803 0.1890 0.0458  0.0066  0.0185  4   TRP A CE2 
66  C  CE3 A TRP A 4  ? 0.1410 0.1446 0.1536 0.0337  -0.0205 0.0007  4   TRP A CE3 
67  C  CE3 B TRP A 4  ? 0.2041 0.1878 0.1536 0.0119  -0.0175 0.0117  4   TRP A CE3 
68  C  CZ2 A TRP A 4  ? 0.1699 0.1239 0.1641 0.0420  -0.0187 0.0308  4   TRP A CZ2 
69  C  CZ2 B TRP A 4  ? 0.1310 0.1274 0.1895 0.0588  0.0050  0.0046  4   TRP A CZ2 
70  C  CZ3 A TRP A 4  ? 0.1087 0.1497 0.1839 0.0332  -0.0226 0.0216  4   TRP A CZ3 
71  C  CZ3 B TRP A 4  ? 0.2001 0.1746 0.1527 0.0226  0.0005  0.0129  4   TRP A CZ3 
94  N  N   . HIS A 5  ? 0.1899 0.2127 0.1748 0.0067  0.0136  0.0211  5   HIS A N   
95  C  CA  . HIS A 5  ? 0.2260 0.2021 0.1584 0.0259  0.0300  0.0248  5   HIS A CA  
96  C  C   . HIS A 5  ? 0.2136 0.2350 0.1747 -0.0072 0.0412  0.0411  5   HIS A C   
97  O  O   . HIS A 5  ? 0.2081 0.2327 0.2084 0.0108  0.0240  0.0230  5   HIS A O   
98  C  CB  . HIS A 5  ? 0.2012 0.2634 0.2055 0.0099  0.0177  0.0370  5   HIS A CB  
99  C  CG  . HIS A 5  ? 0.1748 0.2949 0.2137 0.0079  -0.0012 0.0603  5   HIS A CG  
100 N  ND1 . HIS A 5  ? 0.1777 0.3628 0.2530 0.0054  0.0038  0.1191  5   HIS A ND1 
101 C  CD2 . HIS A 5  ? 0.1910 0.3041 0.2054 -0.0788 0.0322  0.0939  5   HIS A CD2 
102 C  CE1 . HIS A 5  ? 0.1781 0.3791 0.3091 -0.0121 0.0110  0.0876  5   HIS A CE1 
103 N  NE2 . HIS A 5  ? 0.1919 0.3502 0.2381 -0.0514 -0.0075 0.0906  5   HIS A NE2 
111 N  N   . ASN A 6  ? 0.1997 0.2393 0.2034 -0.0157 0.0191  0.0328  6   ASN A N   
112 C  CA  . ASN A 6  ? 0.2416 0.2416 0.1891 -0.0074 0.0141  0.0115  6   ASN A CA  
113 C  C   . ASN A 6  ? 0.2569 0.2127 0.2132 -0.0256 -0.0027 -0.0028 6   ASN A C   
114 O  O   . ASN A 6  ? 0.2554 0.2497 0.2270 -0.0260 0.0054  -0.0172 6   ASN A O   
115 C  CB  . ASN A 6  ? 0.2095 0.3050 0.2575 -0.0374 0.0015  0.0373  6   ASN A CB  
116 C  CG  . ASN A 6  ? 0.2212 0.3477 0.2873 -0.0467 -0.0093 0.0396  6   ASN A CG  
117 O  OD1 . ASN A 6  ? 0.2654 0.3138 0.3351 -0.0712 0.0143  0.0800  6   ASN A OD1 
118 N  ND2 . ASN A 6  ? 0.1962 0.4300 0.3141 -0.0468 0.0174  0.0455  6   ASN A ND2 
125 N  N   . GLY A 7  ? 0.2311 0.1681 0.1823 -0.0057 -0.0029 -0.0274 7   GLY A N   
126 C  CA  . GLY A 7  ? 0.2389 0.1974 0.1893 0.0109  0.0137  -0.0135 7   GLY A CA  
127 C  C   . GLY A 7  ? 0.1857 0.1993 0.1909 0.0080  0.0112  0.0096  7   GLY A C   
128 O  O   . GLY A 7  ? 0.2507 0.2037 0.1556 0.0108  0.0131  -0.0012 7   GLY A O   
132 N  N   . LYS A 8  ? 0.2134 0.1978 0.1840 0.0077  0.0209  0.0155  8   LYS A N   
133 C  CA  . LYS A 8  ? 0.1801 0.2161 0.2102 0.0220  0.0031  0.0020  8   LYS A CA  
134 C  C   . LYS A 8  ? 0.2154 0.2143 0.1773 0.0237  -0.0047 0.0221  8   LYS A C   
135 O  O   . LYS A 8  ? 0.2325 0.2091 0.1741 0.0161  -0.0170 -0.0017 8   LYS A O   
136 C  CB  . LYS A 8  ? 0.1728 0.2152 0.2780 0.0091  -0.0145 -0.0062 8   LYS A CB  
137 C  CG  . LYS A 8  ? 0.2007 0.2418 0.3847 0.0224  -0.0448 -0.0321 8   LYS A CG  
138 C  CD  . LYS A 8  ? 0.2589 0.3379 0.4744 -0.0081 -0.0472 -0.0577 8   LYS A CD  
139 C  CE  . LYS A 8  ? 0.3695 0.4192 0.5405 -0.0312 0.0034  -0.0515 8   LYS A CE  
140 N  NZ  . LYS A 8  ? 0.3853 0.4593 0.6113 -0.0432 0.0321  -0.0596 8   LYS A NZ  
154 N  N   . TRP A 9  ? 0.1869 0.2027 0.1758 0.0233  0.0158  0.0191  9   TRP A N   
155 C  CA  . TRP A 9  ? 0.2274 0.2030 0.1993 0.0197  0.0069  0.0194  9   TRP A CA  
156 C  C   . TRP A 9  ? 0.2169 0.2007 0.2083 0.0401  -0.0011 0.0132  9   TRP A C   
157 O  O   . TRP A 9  ? 0.2300 0.2025 0.1794 0.0467  -0.0196 0.0255  9   TRP A O   
158 C  CB  . TRP A 9  ? 0.2139 0.1967 0.2017 0.0200  -0.0166 -0.0001 9   TRP A CB  
159 C  CG  . TRP A 9  ? 0.2022 0.1938 0.1820 0.0097  0.0141  0.0152  9   TRP A CG  
160 C  CD1 . TRP A 9  ? 0.1790 0.2244 0.1917 -0.0019 0.0046  0.0009  9   TRP A CD1 
161 C  CD2 . TRP A 9  ? 0.1811 0.1702 0.1868 -0.0088 0.0115  0.0037  9   TRP A CD2 
162 N  NE1 . TRP A 9  ? 0.1907 0.2148 0.1707 0.0027  0.0063  -0.0115 9   TRP A NE1 
163 C  CE2 . TRP A 9  ? 0.1885 0.1903 0.1877 0.0163  -0.0143 0.0149  9   TRP A CE2 
164 C  CE3 . TRP A 9  ? 0.1732 0.1843 0.2028 0.0128  -0.0023 0.0126  9   TRP A CE3 
165 C  CZ2 . TRP A 9  ? 0.1791 0.1836 0.1989 -0.0141 0.0270  -0.0012 9   TRP A CZ2 
166 C  CZ3 . TRP A 9  ? 0.2266 0.1999 0.1991 0.0004  -0.0075 0.0026  9   TRP A CZ3 
178 N  N   . ASP A 10 ? 0.2339 0.2597 0.1789 0.0551  0.0065  -0.0070 10  ASP A N   
179 C  CA  A ASP A 10 ? 0.2248 0.2798 0.1897 0.0655  0.0166  -0.0095 10  ASP A CA  
180 C  CA  B ASP A 10 ? 0.2220 0.2629 0.1972 0.0731  0.0281  -0.0019 10  ASP A CA  
181 C  C   . ASP A 10 ? 0.2418 0.2541 0.2060 0.0867  0.0048  0.0084  10  ASP A C   
182 O  O   . ASP A 10 ? 0.2535 0.2223 0.2127 0.0884  -0.0302 -0.0339 10  ASP A O   
183 C  CB  A ASP A 10 ? 0.2457 0.3254 0.2119 0.0595  0.0044  -0.0043 10  ASP A CB  
184 C  CB  B ASP A 10 ? 0.2220 0.2693 0.2241 0.0835  0.0514  0.0067  10  ASP A CB  
185 C  CG  A ASP A 10 ? 0.2917 0.3657 0.2031 0.0601  0.0116  0.0333  10  ASP A CG  
186 C  CG  B ASP A 10 ? 0.2354 0.2787 0.1921 0.1001  0.0680  0.0135  10  ASP A CG  
187 O  OD1 A ASP A 10 ? 0.2174 0.3832 0.2081 0.1177  0.0072  0.0937  10  ASP A OD1 
188 O  OD1 B ASP A 10 ? 0.2203 0.3178 0.1887 0.0879  0.0783  0.0449  10  ASP A OD1 
189 O  OD2 A ASP A 10 ? 0.3102 0.3784 0.2094 0.0135  0.0302  0.0200  10  ASP A OD2 
190 O  OD2 B ASP A 10 ? 0.2660 0.2697 0.1791 0.0990  0.0585  0.0357  10  ASP A OD2 
197 N  N   . TRP A 11 ? 0.2715 0.2469 0.2146 0.1034  -0.0131 0.0216  11  TRP A N   
198 C  CA  . TRP A 11 ? 0.3230 0.2894 0.1795 0.0998  -0.0087 -0.0268 11  TRP A CA  
199 C  C   . TRP A 11 ? 0.2723 0.3465 0.1928 0.0759  -0.0158 -0.0071 11  TRP A C   
200 O  O   . TRP A 11 ? 0.2709 0.3857 0.2412 0.0294  -0.0004 0.0021  11  TRP A O   
201 C  CB  . TRP A 11 ? 0.3624 0.2785 0.2479 0.1658  -0.0371 -0.0229 11  TRP A CB  
202 C  CG  . TRP A 11 ? 0.3986 0.3397 0.2830 0.1866  -0.0315 -0.0016 11  TRP A CG  
203 C  CD1 . TRP A 11 ? 0.4314 0.3663 0.3059 0.1760  -0.0291 -0.0297 11  TRP A CD1 
204 C  CD2 . TRP A 11 ? 0.4223 0.3575 0.3560 0.2023  -0.0246 0.0054  11  TRP A CD2 
205 N  NE1 . TRP A 11 ? 0.4702 0.3800 0.3181 0.1653  -0.0359 -0.0449 11  TRP A NE1 
206 C  CE2 . TRP A 11 ? 0.4542 0.3415 0.3704 0.2093  -0.0428 0.0098  11  TRP A CE2 
207 C  CE3 . TRP A 11 ? 0.4395 0.3929 0.4624 0.1826  -0.0271 0.0330  11  TRP A CE3 
208 C  CZ2 . TRP A 11 ? 0.4981 0.3356 0.3960 0.1991  -0.0374 0.0292  11  TRP A CZ2 
209 C  CZ3 . TRP A 11 ? 0.4428 0.4169 0.5002 0.1651  -0.0237 0.0353  11  TRP A CZ3 
221 N  N   . HIS A 12 ? 0.2607 0.3491 0.2039 0.1324  -0.0204 -0.0243 12  HIS A N   
222 C  CA  . HIS A 12 ? 0.2931 0.4434 0.2202 0.1471  -0.0149 -0.0137 12  HIS A CA  
223 C  C   . HIS A 12 ? 0.3892 0.5461 0.2392 0.0898  -0.0048 -0.0136 12  HIS A C   
224 O  O   . HIS A 12 ? 0.3294 0.6026 0.2423 0.0779  0.0043  -0.0396 12  HIS A O   
225 C  CB  . HIS A 12 ? 0.3608 0.4531 0.2339 0.1571  -0.0072 -0.0527 12  HIS A CB  
226 C  CG  . HIS A 12 ? 0.3676 0.4458 0.2566 0.2114  -0.0176 -0.0537 12  HIS A CG  
227 N  ND1 . HIS A 12 ? 0.3981 0.4156 0.2226 0.2226  -0.0044 -0.0605 12  HIS A ND1 
228 C  CD2 . HIS A 12 ? 0.3865 0.4716 0.2814 0.2059  -0.0074 -0.0567 12  HIS A CD2 
229 C  CE1 . HIS A 12 ? 0.4369 0.4533 0.2086 0.1973  0.0049  -0.0752 12  HIS A CE1 
230 N  NE2 . HIS A 12 ? 0.4115 0.4543 0.2701 0.2097  -0.0156 -0.0885 12  HIS A NE2 
238 N  N   . NH2 A 13 ? 0.4647 0.6009 0.2597 0.0261  0.0101  -0.0181 13  NH2 A N   
241 CL CL  . CL  B .  ? 0.3647 0.4154 0.4298 -0.0306 -0.0005 -0.0002 101 CL  A CL  
242 CU CU  . CU  C .  ? 0.4558 0.2748 0.2464 0.1648  -0.0352 -0.0559 102 CU  A CU  
243 O  O1  . P6G D .  ? 0.6114 0.3479 0.3807 -0.0825 -0.2400 0.0511  103 P6G A O1  
244 C  C2  . P6G D .  ? 0.4664 0.4740 0.4597 -0.1356 0.0780  -0.2607 103 P6G A C2  
245 C  C3  . P6G D .  ? 0.4808 0.4952 0.4407 -0.1270 0.1045  -0.2629 103 P6G A C3  
246 O  O4  . P6G D .  ? 0.5973 0.5200 0.4704 -0.0832 0.1316  -0.2746 103 P6G A O4  
247 C  C5  . P6G D .  ? 0.6694 0.5482 0.4421 -0.0756 0.1642  -0.2529 103 P6G A C5  
248 C  C6  . P6G D .  ? 0.7577 0.5697 0.4384 -0.0852 0.1864  -0.2284 103 P6G A C6  
249 O  O7  . P6G D .  ? 0.8349 0.6591 0.4752 -0.1006 0.1942  -0.1790 103 P6G A O7  
250 C  C8  . P6G D .  ? 0.8672 0.7145 0.5172 -0.1385 0.1817  -0.1541 103 P6G A C8  
251 C  C9  . P6G D .  ? 0.8749 0.7489 0.5606 -0.1635 0.1634  -0.1428 103 P6G A C9  
252 O  O10 . P6G D .  ? 0.8876 0.7641 0.6166 -0.1988 0.1320  -0.1400 103 P6G A O10 
253 C  C11 . P6G D .  ? 0.9084 0.8031 0.6534 -0.2179 0.0974  -0.1579 103 P6G A C11 
254 C  C12 . P6G D .  ? 0.9361 0.8602 0.6944 -0.2266 0.0598  -0.1667 103 P6G A C12 
255 O  O13 . P6G D .  ? 0.9602 0.9079 0.7074 -0.2316 0.0349  -0.1650 103 P6G A O13 
256 C  C14 . P6G D .  ? 0.9628 0.9317 0.6837 -0.2359 0.0027  -0.1567 103 P6G A C14 
257 C  C15 . P6G D .  ? 0.9644 0.9384 0.6549 -0.2372 -0.0197 -0.1453 103 P6G A C15 
258 O  O16 . P6G D .  ? 0.9790 0.9674 0.6235 -0.2194 -0.0246 -0.1311 103 P6G A O16 
259 C  C17 . P6G D .  ? 0.9911 0.9760 0.6203 -0.1999 -0.0353 -0.1243 103 P6G A C17 
260 C  C18 . P6G D .  ? 0.9961 0.9794 0.6120 -0.1805 -0.0435 -0.1180 103 P6G A C18 
261 O  O19 . P6G D .  ? 0.9966 0.9923 0.6131 -0.1732 -0.0515 -0.1109 103 P6G A O19 
287 S  S   . SO4 E .  ? 1.6579 1.7359 1.7579 -0.0469 -0.0008 -0.0003 104 SO4 A S   
288 O  O1  . SO4 E .  ? 1.9801 0.8532 1.5381 -0.1508 0.1197  0.5741  104 SO4 A O1  
289 O  O2  . SO4 E .  ? 1.0836 1.1942 1.7647 -0.0348 -0.1058 0.4522  104 SO4 A O2  
290 O  O3  . SO4 E .  ? 1.5400 2.0009 1.0239 0.2097  -0.5375 -0.1015 104 SO4 A O3  
291 O  O4  . SO4 E .  ? 1.2225 1.7682 1.6776 0.2967  0.1332  -0.1159 104 SO4 A O4  
292 S  S   . SO4 F .  ? 0.6543 1.0336 0.9240 0.0520  -0.1164 0.0161  105 SO4 A S   
293 O  O1  . SO4 F .  ? 0.6401 1.0085 0.9225 0.0595  -0.1226 0.0034  105 SO4 A O1  
294 O  O2  . SO4 F .  ? 0.6760 1.0357 0.9072 0.0439  -0.1069 0.0205  105 SO4 A O2  
295 O  O3  . SO4 F .  ? 0.6388 1.0367 0.9271 0.0484  -0.1123 0.0156  105 SO4 A O3  
296 O  O4  . SO4 F .  ? 0.6476 1.0230 0.9181 0.0437  -0.1070 0.0150  105 SO4 A O4  
297 S  S   . SO4 G .  ? 0.3924 0.3566 0.6190 0.1845  -0.1348 -0.0648 106 SO4 A S   
298 O  O1  . SO4 G .  ? 0.4177 0.3758 0.6570 0.1609  -0.1391 -0.1340 106 SO4 A O1  
299 O  O2  . SO4 G .  ? 0.4065 0.3651 0.6434 0.1910  -0.1263 -0.0968 106 SO4 A O2  
300 O  O3  . SO4 G .  ? 0.4077 0.3824 0.6932 0.1508  -0.1319 -0.1098 106 SO4 A O3  
301 O  O4  . SO4 G .  ? 0.3604 0.3810 0.6618 0.1759  -0.1240 -0.0997 106 SO4 A O4  
302 O  O   . HOH H .  ? 1.0382 0.4288 0.2701 -0.0420 0.0764  -0.0123 201 HOH A O   
303 O  O   . HOH H .  ? 0.5845 0.4385 0.9312 0.1144  -0.2198 -0.3023 202 HOH A O   
304 O  O   . HOH H .  ? 0.3105 1.0162 0.4234 -0.1520 -0.0603 0.1650  203 HOH A O   
305 O  O   . HOH H .  ? 0.2571 0.2194 0.2663 0.0259  0.0143  -0.0137 204 HOH A O   
306 O  O   . HOH H .  ? 0.4980 0.6380 0.6735 0.2453  0.1870  0.3407  205 HOH A O   
307 O  O   . HOH H .  ? 0.9697 0.3846 0.3358 -0.2779 0.0072  -0.0086 206 HOH A O   
308 O  O   . HOH H .  ? 0.5172 0.5464 0.5442 0.0683  0.0897  0.0728  207 HOH A O   
309 O  O   . HOH H .  ? 0.4686 0.3210 0.7091 0.1578  0.2016  0.1124  208 HOH A O   
310 O  O   . HOH H .  ? 0.6847 0.7955 0.4075 0.3267  -0.0135 -0.1286 209 HOH A O   
311 O  O   . HOH H .  ? 0.5100 0.6711 0.5328 0.0086  -0.2109 0.2515  210 HOH A O   
312 O  O   . HOH H .  ? 0.5941 0.4592 0.4825 -0.0112 -0.1318 0.1234  211 HOH A O   
# 
